data_5A3R
#
_entry.id   5A3R
#
_cell.length_a   57.530
_cell.length_b   114.967
_cell.length_c   227.699
_cell.angle_alpha   90.00
_cell.angle_beta   90.00
_cell.angle_gamma   90.00
#
_symmetry.space_group_name_H-M   'P 21 21 21'
#
loop_
_entity.id
_entity.type
_entity.pdbx_description
1 polymer 'SARCOPLASMIC/ENDOPLASMIC RETICULUM CALCIUM ATPASE 1'
2 non-polymer "Spiro(2,4,6-trinitrobenzene[1,2a]-O2',O3'-methylene-adenosine (beta,gamma-methylene)triphosphate"
3 non-polymer 'POTASSIUM ION'
4 non-polymer 'MAGNESIUM ION'
5 water water
#
_entity_poly.entity_id   1
_entity_poly.type   'polypeptide(L)'
_entity_poly.pdbx_seq_one_letter_code
;MEAAHSKSTEECLAYFGVSETTGLTPDQVKRHLEKYGHNELPAEEGKSLWELVIEQFEDLLVRILLLAACISFVLAWFEE
GEETITAFVEPFVILLILIANAIVGVWQERNAENAIEALKEYEPEMGKVYRADRKSVQRIKARDIVPGDIVEVAVGDKVP
ADIRILSIKSTTLRVDQSILTGESVSVIKHTEPVPDPRAVNQDKKNMLFSGTNIAAGKALGIVATTGVSTEIGKIRDQMA
ATEQDKTPLQQKLDEFGEQLSKVISLICVAVWLINIGHFNDPVHGGSWIRGAIYYFKIAVALAVAAIPEGLPAVITTCLA
LGTRRMAKKNAIVRSLPSVETLGCTSVICS(BFD)KTGTLTTNQMSVCKMFIIDKVDGDFCSLNEFSITGSTYAPEGEVL
KNDKPIRSGQFDGLVELATICALCNDSSLDFNETKGVYEKVGEATETALTTLVEKMNVFNTEVRNLSKVERANACNSVIR
QLMKKEFTLEFSRDRKSMSVYCSPAKSSRAAVGNKMFVKGAPEGVIDRCNYVRVGTTRVPMTGPVKEKILSVIKEWGTGR
DTLRCLALATRDTPPKREEMVLDDSSRFMEYETDLTFVGVVGMLDPPRKEVMGSIQLCRDAGIRVIMITGDNKGTAIAIC
RRIGIFGENEEVADRAYTGREFDDLPLAEQREACRRACCFARVEPSHKSKIVEYLQSYDEITAMTGDGVNDAPALKKAEI
GIAMGSGTAVAKTASEMVLADDNFSTIVAAVEEGRAIYNNMKQFIRYLISSNVGEVVCIFLTAALGLPEALIPVQLLWVN
LVTDGLPATALGFNPPDLDIMDRPPRSPKEPLISGWLFFRYMAIGGYVGAATVGAAAWWFMYAEDGPGVTYHQLTHFMQC
TEDHPHFEGLDCEIFEAPEPMTMALSVLVTIEMCNALNSLSENQSLMRMPPWVNIWLLGSICLSMSLHFLILYVDPLPMI
FKLKALDLTQWLMVLKISLPVIGLDEILKFIARNYLEG
;
_entity_poly.pdbx_strand_id   A
#
loop_
_chem_comp.id
_chem_comp.type
_chem_comp.name
_chem_comp.formula
DL5 non-polymer 'Spiro(2,4,6-trinitrobenzene[1,2a]-O2',O3'-methylene-adenosine (beta,gamma-methylene)triphosphate' 'C17 H19 N8 O18 P3'
K non-polymer 'POTASSIUM ION' 'K 1'
MG non-polymer 'MAGNESIUM ION' 'Mg 2'
#
# COMPACT_ATOMS: atom_id res chain seq x y z
N MET A 1 0.52 -28.66 -23.07
CA MET A 1 1.21 -29.79 -22.45
C MET A 1 1.62 -29.48 -21.01
N GLU A 2 0.84 -29.95 -20.05
CA GLU A 2 1.17 -29.75 -18.65
C GLU A 2 2.19 -30.79 -18.19
N ALA A 3 2.93 -30.47 -17.14
CA ALA A 3 3.93 -31.36 -16.57
C ALA A 3 4.98 -31.78 -17.59
N ALA A 4 5.40 -30.83 -18.43
CA ALA A 4 6.43 -31.09 -19.41
C ALA A 4 7.79 -31.23 -18.73
N HIS A 5 7.89 -30.68 -17.53
CA HIS A 5 9.10 -30.72 -16.74
C HIS A 5 9.47 -32.14 -16.34
N SER A 6 8.45 -32.97 -16.15
CA SER A 6 8.64 -34.34 -15.67
C SER A 6 8.86 -35.33 -16.82
N LYS A 7 8.97 -34.80 -18.03
CA LYS A 7 9.19 -35.65 -19.20
C LYS A 7 10.47 -35.26 -19.94
N SER A 8 11.01 -36.20 -20.70
CA SER A 8 12.26 -35.98 -21.42
C SER A 8 12.07 -35.07 -22.61
N THR A 9 13.16 -34.55 -23.15
CA THR A 9 13.11 -33.61 -24.26
C THR A 9 12.54 -34.25 -25.52
N GLU A 10 12.96 -35.48 -25.81
CA GLU A 10 12.46 -36.19 -26.98
C GLU A 10 11.00 -36.57 -26.81
N GLU A 11 10.55 -36.69 -25.56
CA GLU A 11 9.16 -36.99 -25.27
C GLU A 11 8.28 -35.78 -25.52
N CYS A 12 8.84 -34.58 -25.36
CA CYS A 12 8.09 -33.34 -25.55
C CYS A 12 7.92 -33.01 -27.02
N LEU A 13 8.96 -33.27 -27.81
CA LEU A 13 8.91 -33.01 -29.25
C LEU A 13 7.91 -33.92 -29.94
N ALA A 14 7.63 -35.07 -29.33
CA ALA A 14 6.69 -36.03 -29.89
C ALA A 14 5.24 -35.62 -29.59
N TYR A 15 5.06 -34.81 -28.56
CA TYR A 15 3.72 -34.37 -28.16
C TYR A 15 3.10 -33.47 -29.22
N PHE A 16 3.93 -32.61 -29.82
CA PHE A 16 3.44 -31.69 -30.84
C PHE A 16 3.83 -32.18 -32.24
N GLY A 17 4.89 -32.97 -32.32
CA GLY A 17 5.38 -33.46 -33.59
C GLY A 17 6.10 -32.40 -34.38
N VAL A 18 7.33 -32.11 -33.98
CA VAL A 18 8.12 -31.06 -34.62
C VAL A 18 9.61 -31.34 -34.45
N SER A 19 10.37 -31.18 -35.54
CA SER A 19 11.81 -31.37 -35.49
C SER A 19 12.49 -30.22 -34.74
N GLU A 20 13.58 -30.52 -34.06
CA GLU A 20 14.29 -29.53 -33.28
C GLU A 20 15.04 -28.54 -34.15
N THR A 21 15.45 -28.99 -35.33
CA THR A 21 16.26 -28.16 -36.23
C THR A 21 15.41 -27.36 -37.20
N THR A 22 14.39 -28.00 -37.77
CA THR A 22 13.54 -27.35 -38.77
C THR A 22 12.63 -26.31 -38.13
N GLY A 23 11.66 -26.78 -37.36
CA GLY A 23 10.68 -25.91 -36.74
C GLY A 23 9.26 -26.29 -37.10
N LEU A 24 8.31 -25.47 -36.67
CA LEU A 24 6.90 -25.75 -36.93
C LEU A 24 6.50 -25.39 -38.36
N THR A 25 5.88 -26.35 -39.04
CA THR A 25 5.31 -26.13 -40.36
C THR A 25 4.10 -25.20 -40.22
N PRO A 26 3.95 -24.25 -41.14
CA PRO A 26 2.78 -23.36 -41.18
C PRO A 26 1.45 -24.10 -41.07
N ASP A 27 1.42 -25.36 -41.54
CA ASP A 27 0.25 -26.21 -41.35
C ASP A 27 0.07 -26.51 -39.86
N GLN A 28 1.16 -26.85 -39.19
CA GLN A 28 1.13 -27.14 -37.76
C GLN A 28 0.81 -25.89 -36.95
N VAL A 29 1.40 -24.76 -37.34
CA VAL A 29 1.19 -23.50 -36.65
C VAL A 29 -0.27 -23.11 -36.70
N LYS A 30 -0.90 -23.33 -37.85
CA LYS A 30 -2.31 -23.00 -38.04
C LYS A 30 -3.20 -23.92 -37.19
N ARG A 31 -2.76 -25.16 -36.99
CA ARG A 31 -3.50 -26.11 -36.18
C ARG A 31 -3.22 -25.91 -34.69
N HIS A 32 -2.01 -25.47 -34.37
CA HIS A 32 -1.61 -25.27 -32.98
C HIS A 32 -2.13 -23.96 -32.43
N LEU A 33 -2.69 -23.11 -33.31
CA LEU A 33 -3.22 -21.83 -32.89
C LEU A 33 -4.72 -21.92 -32.66
N GLU A 34 -5.34 -22.96 -33.24
CA GLU A 34 -6.77 -23.17 -33.07
C GLU A 34 -7.06 -24.15 -31.95
N LYS A 35 -6.01 -24.85 -31.50
CA LYS A 35 -6.16 -25.85 -30.44
C LYS A 35 -5.59 -25.33 -29.13
N TYR A 36 -4.92 -24.19 -29.18
CA TYR A 36 -4.31 -23.61 -27.98
C TYR A 36 -4.56 -22.11 -27.86
N GLY A 37 -4.66 -21.43 -28.99
CA GLY A 37 -4.93 -20.00 -28.99
C GLY A 37 -3.70 -19.12 -28.89
N HIS A 38 -3.91 -17.81 -28.84
CA HIS A 38 -2.81 -16.85 -28.78
C HIS A 38 -2.18 -16.79 -27.40
N ASN A 39 -0.85 -16.67 -27.37
CA ASN A 39 -0.10 -16.61 -26.12
C ASN A 39 -0.26 -15.24 -25.45
N GLU A 40 -1.40 -15.04 -24.79
CA GLU A 40 -1.66 -13.80 -24.07
C GLU A 40 -2.77 -13.98 -23.04
N LEU A 41 -2.87 -13.02 -22.12
CA LEU A 41 -3.92 -13.02 -21.12
C LEU A 41 -5.13 -12.26 -21.67
N PRO A 42 -6.31 -12.48 -21.08
CA PRO A 42 -7.47 -11.64 -21.42
C PRO A 42 -7.16 -10.15 -21.20
N ALA A 43 -7.85 -9.28 -21.93
CA ALA A 43 -7.57 -7.85 -21.91
C ALA A 43 -7.58 -7.27 -20.51
N GLU A 44 -6.65 -6.34 -20.25
CA GLU A 44 -6.56 -5.68 -18.95
C GLU A 44 -7.82 -4.89 -18.64
N GLU A 45 -8.48 -5.24 -17.54
CA GLU A 45 -9.72 -4.58 -17.15
C GLU A 45 -9.49 -3.57 -16.03
N GLY A 46 -8.47 -2.72 -16.20
CA GLY A 46 -8.22 -1.66 -15.26
C GLY A 46 -8.95 -0.39 -15.65
N LYS A 47 -10.05 -0.56 -16.38
CA LYS A 47 -10.86 0.57 -16.83
C LYS A 47 -12.09 0.74 -15.95
N SER A 48 -12.20 1.91 -15.32
CA SER A 48 -13.35 2.21 -14.48
C SER A 48 -14.57 2.55 -15.34
N LEU A 49 -15.36 1.54 -15.64
CA LEU A 49 -16.58 1.74 -16.43
C LEU A 49 -17.60 2.57 -15.67
N TRP A 50 -18.61 3.07 -16.39
CA TRP A 50 -19.63 3.91 -15.78
C TRP A 50 -20.70 3.08 -15.08
N GLU A 51 -20.48 1.77 -15.01
CA GLU A 51 -21.36 0.89 -14.26
C GLU A 51 -20.88 0.76 -12.82
N LEU A 52 -19.66 1.23 -12.58
CA LEU A 52 -19.06 1.15 -11.26
C LEU A 52 -19.43 2.35 -10.40
N VAL A 53 -20.49 3.04 -10.79
CA VAL A 53 -21.01 4.16 -10.01
C VAL A 53 -21.94 3.61 -8.93
N ILE A 54 -22.50 2.44 -9.19
CA ILE A 54 -23.38 1.78 -8.23
C ILE A 54 -22.57 1.30 -7.04
N GLU A 55 -21.26 1.15 -7.24
CA GLU A 55 -20.36 0.75 -6.16
C GLU A 55 -20.22 1.88 -5.15
N GLN A 56 -20.45 3.11 -5.60
CA GLN A 56 -20.42 4.27 -4.70
C GLN A 56 -21.71 4.38 -3.91
N PHE A 57 -22.73 3.62 -4.32
CA PHE A 57 -24.01 3.61 -3.64
C PHE A 57 -24.28 2.27 -2.95
N GLU A 58 -23.21 1.56 -2.60
CA GLU A 58 -23.34 0.32 -1.85
C GLU A 58 -23.24 0.62 -0.36
N ASP A 59 -22.72 1.80 -0.03
CA ASP A 59 -22.70 2.28 1.34
C ASP A 59 -24.11 2.62 1.78
N LEU A 60 -24.61 1.88 2.77
CA LEU A 60 -26.00 2.00 3.19
C LEU A 60 -26.28 3.34 3.86
N LEU A 61 -25.24 4.00 4.36
CA LEU A 61 -25.38 5.34 4.90
C LEU A 61 -25.90 6.29 3.83
N VAL A 62 -25.31 6.20 2.64
CA VAL A 62 -25.75 6.97 1.50
C VAL A 62 -27.13 6.49 1.07
N ARG A 63 -27.36 5.18 1.16
CA ARG A 63 -28.65 4.59 0.80
C ARG A 63 -29.75 5.01 1.76
N ILE A 64 -29.44 5.04 3.05
CA ILE A 64 -30.38 5.52 4.06
C ILE A 64 -30.75 6.97 3.75
N LEU A 65 -29.72 7.78 3.51
CA LEU A 65 -29.92 9.19 3.18
C LEU A 65 -30.64 9.33 1.85
N LEU A 66 -30.41 8.38 0.95
CA LEU A 66 -31.11 8.37 -0.34
C LEU A 66 -32.56 7.98 -0.14
N LEU A 67 -32.80 6.98 0.70
CA LEU A 67 -34.15 6.56 1.03
C LEU A 67 -34.88 7.67 1.77
N ALA A 68 -34.17 8.34 2.67
CA ALA A 68 -34.74 9.45 3.43
C ALA A 68 -35.02 10.63 2.51
N ALA A 69 -34.31 10.68 1.39
CA ALA A 69 -34.51 11.76 0.41
C ALA A 69 -35.77 11.49 -0.41
N CYS A 70 -36.08 10.22 -0.62
CA CYS A 70 -37.23 9.83 -1.42
C CYS A 70 -38.52 9.88 -0.62
N ILE A 71 -38.44 9.57 0.66
CA ILE A 71 -39.62 9.56 1.53
C ILE A 71 -39.87 10.96 2.07
N SER A 72 -38.94 11.88 1.81
CA SER A 72 -39.13 13.28 2.17
C SER A 72 -39.62 14.05 0.96
N PHE A 73 -39.48 13.43 -0.21
CA PHE A 73 -39.88 14.04 -1.47
C PHE A 73 -41.35 13.77 -1.78
N VAL A 74 -41.79 12.54 -1.52
CA VAL A 74 -43.12 12.11 -1.95
C VAL A 74 -44.23 12.78 -1.14
N LEU A 75 -44.06 12.90 0.17
CA LEU A 75 -45.11 13.40 1.03
C LEU A 75 -45.37 14.91 0.86
N ALA A 76 -44.47 15.59 0.17
CA ALA A 76 -44.60 17.02 -0.03
C ALA A 76 -45.03 17.34 -1.46
N TRP A 77 -45.05 16.32 -2.32
CA TRP A 77 -45.36 16.52 -3.72
C TRP A 77 -46.84 16.36 -4.03
N PHE A 78 -47.50 15.41 -3.37
CA PHE A 78 -48.89 15.09 -3.67
C PHE A 78 -49.85 15.52 -2.57
N GLU A 79 -49.33 16.15 -1.54
CA GLU A 79 -50.15 16.51 -0.38
C GLU A 79 -50.13 18.02 -0.11
N GLU A 80 -50.96 18.45 0.84
CA GLU A 80 -51.00 19.81 1.37
C GLU A 80 -51.32 20.91 0.33
N GLY A 81 -51.27 20.56 -0.96
CA GLY A 81 -51.62 21.49 -2.02
C GLY A 81 -50.77 22.75 -2.06
N GLU A 82 -49.52 22.63 -1.65
CA GLU A 82 -48.60 23.76 -1.66
C GLU A 82 -47.31 23.41 -2.40
N GLU A 83 -46.96 24.25 -3.38
CA GLU A 83 -45.78 24.00 -4.19
C GLU A 83 -44.61 24.91 -3.79
N THR A 84 -44.56 25.27 -2.52
CA THR A 84 -43.47 26.10 -2.00
C THR A 84 -42.16 25.33 -2.02
N ILE A 85 -41.05 26.04 -1.84
CA ILE A 85 -39.73 25.42 -1.94
C ILE A 85 -39.29 24.82 -0.61
N THR A 86 -39.79 25.37 0.50
CA THR A 86 -39.39 24.98 1.84
C THR A 86 -39.40 23.47 2.05
N ALA A 87 -40.44 22.82 1.51
CA ALA A 87 -40.56 21.37 1.63
C ALA A 87 -39.88 20.66 0.46
N PHE A 88 -39.61 21.39 -0.60
CA PHE A 88 -39.05 20.84 -1.83
C PHE A 88 -37.52 20.94 -1.90
N VAL A 89 -36.94 21.86 -1.15
CA VAL A 89 -35.51 22.12 -1.26
C VAL A 89 -34.70 20.93 -0.75
N GLU A 90 -34.97 20.51 0.48
CA GLU A 90 -34.21 19.42 1.10
C GLU A 90 -34.19 18.11 0.28
N PRO A 91 -35.34 17.71 -0.32
CA PRO A 91 -35.31 16.52 -1.18
C PRO A 91 -34.22 16.48 -2.25
N PHE A 92 -34.02 17.55 -3.02
CA PHE A 92 -33.07 17.49 -4.13
C PHE A 92 -31.66 17.88 -3.73
N VAL A 93 -31.52 18.71 -2.70
CA VAL A 93 -30.18 19.11 -2.25
C VAL A 93 -29.51 17.91 -1.58
N ILE A 94 -30.30 17.02 -1.01
CA ILE A 94 -29.78 15.78 -0.47
C ILE A 94 -29.34 14.91 -1.64
N LEU A 95 -30.17 14.87 -2.67
CA LEU A 95 -29.85 14.13 -3.90
C LEU A 95 -28.70 14.80 -4.63
N LEU A 96 -28.58 16.12 -4.48
CA LEU A 96 -27.51 16.88 -5.12
C LEU A 96 -26.18 16.61 -4.41
N ILE A 97 -26.24 16.35 -3.11
CA ILE A 97 -25.05 16.04 -2.33
C ILE A 97 -24.57 14.63 -2.69
N LEU A 98 -25.51 13.69 -2.78
CA LEU A 98 -25.17 12.29 -3.01
C LEU A 98 -24.55 12.05 -4.38
N ILE A 99 -25.06 12.74 -5.41
CA ILE A 99 -24.53 12.59 -6.75
C ILE A 99 -23.12 13.20 -6.79
N ALA A 100 -22.91 14.25 -6.02
CA ALA A 100 -21.61 14.89 -5.94
C ALA A 100 -20.69 14.09 -5.02
N ASN A 101 -21.29 13.37 -4.08
CA ASN A 101 -20.54 12.51 -3.17
C ASN A 101 -19.97 11.32 -3.92
N ALA A 102 -20.65 10.95 -5.01
CA ALA A 102 -20.23 9.82 -5.83
C ALA A 102 -19.21 10.26 -6.88
N ILE A 103 -19.18 11.55 -7.15
CA ILE A 103 -18.26 12.11 -8.14
C ILE A 103 -16.81 11.94 -7.68
N VAL A 104 -16.52 12.39 -6.47
CA VAL A 104 -15.16 12.30 -5.92
C VAL A 104 -14.74 10.84 -5.77
N GLY A 105 -15.72 9.96 -5.54
CA GLY A 105 -15.44 8.54 -5.39
C GLY A 105 -14.95 7.88 -6.65
N VAL A 106 -15.64 8.13 -7.76
CA VAL A 106 -15.27 7.53 -9.03
C VAL A 106 -14.18 8.33 -9.72
N TRP A 107 -13.75 9.42 -9.10
CA TRP A 107 -12.69 10.24 -9.66
C TRP A 107 -11.35 9.94 -8.97
N GLN A 108 -11.43 9.55 -7.70
CA GLN A 108 -10.22 9.25 -6.93
C GLN A 108 -9.53 8.00 -7.44
N GLU A 109 -10.29 6.92 -7.59
CA GLU A 109 -9.72 5.66 -8.05
C GLU A 109 -9.41 5.72 -9.56
N ARG A 110 -10.10 6.61 -10.26
CA ARG A 110 -9.81 6.84 -11.68
C ARG A 110 -8.50 7.60 -11.82
N ASN A 111 -8.31 8.59 -10.96
CA ASN A 111 -7.07 9.37 -10.95
C ASN A 111 -5.93 8.50 -10.44
N ALA A 112 -6.26 7.54 -9.59
CA ALA A 112 -5.26 6.64 -9.01
C ALA A 112 -4.71 5.68 -10.06
N GLU A 113 -5.61 5.01 -10.78
CA GLU A 113 -5.20 4.00 -11.76
C GLU A 113 -4.49 4.64 -12.95
N ASN A 114 -4.76 5.92 -13.20
CA ASN A 114 -4.09 6.65 -14.26
C ASN A 114 -2.65 6.97 -13.86
N ALA A 115 -2.38 6.90 -12.55
CA ALA A 115 -1.03 7.10 -12.03
C ALA A 115 -0.31 5.77 -11.91
N ILE A 116 -1.09 4.70 -11.74
CA ILE A 116 -0.54 3.36 -11.62
C ILE A 116 -0.15 2.84 -13.00
N GLU A 117 -0.98 3.13 -14.01
CA GLU A 117 -0.67 2.78 -15.38
C GLU A 117 0.54 3.57 -15.88
N ALA A 118 0.78 4.72 -15.25
CA ALA A 118 1.91 5.57 -15.59
C ALA A 118 3.22 4.97 -15.09
N LEU A 119 3.12 4.11 -14.08
CA LEU A 119 4.30 3.50 -13.47
C LEU A 119 5.01 2.57 -14.46
N LYS A 120 4.24 1.88 -15.29
CA LYS A 120 4.81 0.98 -16.29
C LYS A 120 4.43 1.44 -17.69
N GLU A 121 5.42 1.83 -18.47
CA GLU A 121 5.19 2.30 -19.83
C GLU A 121 5.18 1.15 -20.83
N TYR A 122 4.57 1.40 -21.99
CA TYR A 122 4.40 0.37 -23.02
C TYR A 122 5.72 -0.06 -23.64
N GLU A 123 6.09 -1.31 -23.40
CA GLU A 123 7.24 -1.93 -24.04
C GLU A 123 6.82 -3.29 -24.60
N PRO A 124 6.33 -3.29 -25.85
CA PRO A 124 5.75 -4.47 -26.50
C PRO A 124 6.67 -5.69 -26.49
N GLU A 125 6.21 -6.77 -25.88
CA GLU A 125 6.99 -8.00 -25.77
C GLU A 125 7.10 -8.71 -27.11
N MET A 126 8.28 -9.26 -27.38
CA MET A 126 8.52 -10.00 -28.62
C MET A 126 9.03 -11.41 -28.32
N GLY A 127 9.52 -12.09 -29.35
CA GLY A 127 10.04 -13.44 -29.21
C GLY A 127 10.74 -13.95 -30.45
N LYS A 128 11.68 -14.87 -30.25
CA LYS A 128 12.45 -15.42 -31.36
C LYS A 128 12.17 -16.92 -31.51
N VAL A 129 11.70 -17.30 -32.68
CA VAL A 129 11.32 -18.69 -32.94
C VAL A 129 12.03 -19.25 -34.17
N TYR A 130 11.96 -20.58 -34.31
CA TYR A 130 12.45 -21.24 -35.51
C TYR A 130 11.32 -22.04 -36.15
N ARG A 131 11.00 -21.74 -37.40
CA ARG A 131 9.94 -22.44 -38.11
C ARG A 131 10.42 -22.89 -39.48
N ALA A 132 9.60 -23.69 -40.16
CA ALA A 132 9.97 -24.25 -41.45
C ALA A 132 9.93 -23.21 -42.56
N ASP A 133 9.37 -22.03 -42.26
CA ASP A 133 9.30 -20.95 -43.23
C ASP A 133 10.69 -20.48 -43.65
N ARG A 134 11.44 -19.95 -42.68
CA ARG A 134 12.79 -19.48 -42.94
C ARG A 134 13.79 -20.14 -41.98
N LYS A 135 14.96 -20.49 -42.52
CA LYS A 135 15.98 -21.16 -41.72
C LYS A 135 16.57 -20.22 -40.68
N SER A 136 16.67 -18.94 -41.03
CA SER A 136 17.17 -17.94 -40.11
C SER A 136 16.16 -17.68 -38.99
N VAL A 137 16.66 -17.28 -37.83
CA VAL A 137 15.79 -16.97 -36.70
C VAL A 137 14.96 -15.73 -37.01
N GLN A 138 13.66 -15.84 -36.81
CA GLN A 138 12.75 -14.74 -37.09
C GLN A 138 12.08 -14.22 -35.83
N ARG A 139 12.24 -12.92 -35.57
CA ARG A 139 11.63 -12.29 -34.41
C ARG A 139 10.17 -11.98 -34.69
N ILE A 140 9.28 -12.68 -33.99
CA ILE A 140 7.85 -12.51 -34.20
C ILE A 140 7.20 -11.91 -32.96
N LYS A 141 5.91 -11.61 -33.06
CA LYS A 141 5.14 -11.11 -31.93
C LYS A 141 5.04 -12.18 -30.85
N ALA A 142 5.17 -11.77 -29.59
CA ALA A 142 5.15 -12.70 -28.47
C ALA A 142 3.80 -13.41 -28.36
N ARG A 143 2.73 -12.71 -28.73
CA ARG A 143 1.39 -13.26 -28.64
C ARG A 143 1.14 -14.34 -29.69
N ASP A 144 1.93 -14.32 -30.77
CA ASP A 144 1.74 -15.25 -31.87
C ASP A 144 2.60 -16.50 -31.73
N ILE A 145 3.03 -16.79 -30.50
CA ILE A 145 3.82 -17.99 -30.23
C ILE A 145 2.89 -19.11 -29.75
N VAL A 146 2.85 -20.20 -30.52
CA VAL A 146 2.00 -21.33 -30.19
C VAL A 146 2.80 -22.39 -29.44
N PRO A 147 2.12 -23.23 -28.64
CA PRO A 147 2.78 -24.37 -28.01
C PRO A 147 3.38 -25.32 -29.05
N GLY A 148 4.63 -25.72 -28.84
CA GLY A 148 5.31 -26.56 -29.81
C GLY A 148 6.28 -25.77 -30.68
N ASP A 149 6.36 -24.48 -30.42
CA ASP A 149 7.26 -23.60 -31.16
C ASP A 149 8.70 -23.73 -30.67
N ILE A 150 9.62 -23.98 -31.59
CA ILE A 150 11.04 -24.01 -31.26
C ILE A 150 11.50 -22.58 -30.98
N VAL A 151 11.85 -22.31 -29.72
CA VAL A 151 12.20 -20.96 -29.32
C VAL A 151 13.61 -20.91 -28.74
N GLU A 152 14.40 -19.95 -29.21
CA GLU A 152 15.71 -19.70 -28.64
C GLU A 152 15.68 -18.42 -27.80
N VAL A 153 16.49 -18.39 -26.74
CA VAL A 153 16.58 -17.22 -25.89
C VAL A 153 18.06 -16.90 -25.65
N ALA A 154 18.36 -15.62 -25.46
CA ALA A 154 19.73 -15.20 -25.20
C ALA A 154 19.77 -14.29 -23.99
N VAL A 155 20.96 -13.78 -23.68
CA VAL A 155 21.15 -12.89 -22.54
C VAL A 155 20.30 -11.62 -22.71
N GLY A 156 19.51 -11.31 -21.68
CA GLY A 156 18.70 -10.10 -21.69
C GLY A 156 17.29 -10.29 -22.21
N ASP A 157 17.04 -11.42 -22.86
CA ASP A 157 15.72 -11.71 -23.42
C ASP A 157 14.70 -12.02 -22.31
N LYS A 158 13.50 -11.50 -22.46
CA LYS A 158 12.40 -11.88 -21.58
C LYS A 158 11.72 -13.11 -22.14
N VAL A 159 11.65 -14.17 -21.34
CA VAL A 159 11.08 -15.43 -21.77
C VAL A 159 9.61 -15.23 -22.17
N PRO A 160 9.30 -15.51 -23.45
CA PRO A 160 7.99 -15.25 -24.03
C PRO A 160 6.89 -16.22 -23.60
N ALA A 161 7.27 -17.43 -23.17
CA ALA A 161 6.30 -18.42 -22.74
C ALA A 161 6.91 -19.43 -21.78
N ASP A 162 6.10 -20.35 -21.28
CA ASP A 162 6.61 -21.46 -20.47
C ASP A 162 7.25 -22.49 -21.39
N ILE A 163 8.59 -22.53 -21.35
CA ILE A 163 9.35 -23.28 -22.35
C ILE A 163 10.16 -24.41 -21.73
N ARG A 164 10.07 -25.59 -22.33
CA ARG A 164 10.90 -26.73 -21.96
C ARG A 164 12.22 -26.66 -22.70
N ILE A 165 13.33 -26.60 -21.96
CA ILE A 165 14.64 -26.42 -22.55
C ILE A 165 15.08 -27.68 -23.29
N LEU A 166 15.67 -27.50 -24.47
CA LEU A 166 16.11 -28.62 -25.30
C LEU A 166 17.63 -28.73 -25.35
N SER A 167 18.31 -27.62 -25.56
CA SER A 167 19.76 -27.61 -25.65
C SER A 167 20.35 -26.26 -25.27
N ILE A 168 21.37 -26.28 -24.41
CA ILE A 168 22.05 -25.06 -23.99
C ILE A 168 23.31 -24.87 -24.82
N LYS A 169 23.28 -23.88 -25.71
CA LYS A 169 24.38 -23.65 -26.65
C LYS A 169 25.65 -23.20 -25.91
N SER A 170 25.48 -22.42 -24.86
CA SER A 170 26.59 -22.03 -24.01
C SER A 170 26.84 -23.11 -22.97
N THR A 171 27.91 -22.97 -22.20
CA THR A 171 28.25 -23.95 -21.18
C THR A 171 27.19 -23.98 -20.09
N THR A 172 26.89 -22.80 -19.55
CA THR A 172 25.88 -22.68 -18.50
C THR A 172 24.81 -21.65 -18.87
N LEU A 173 23.60 -21.85 -18.34
CA LEU A 173 22.50 -20.92 -18.58
C LEU A 173 21.90 -20.43 -17.27
N ARG A 174 22.04 -19.13 -17.02
CA ARG A 174 21.50 -18.54 -15.79
C ARG A 174 20.22 -17.76 -16.06
N VAL A 175 19.20 -18.02 -15.26
CA VAL A 175 17.89 -17.40 -15.44
C VAL A 175 17.47 -16.66 -14.19
N ASP A 176 17.10 -15.40 -14.33
CA ASP A 176 16.58 -14.60 -13.22
C ASP A 176 15.08 -14.80 -13.08
N GLN A 177 14.65 -15.28 -11.91
CA GLN A 177 13.25 -15.61 -11.70
C GLN A 177 12.69 -14.93 -10.45
N SER A 178 13.10 -13.68 -10.22
CA SER A 178 12.72 -12.96 -9.01
C SER A 178 11.24 -12.58 -8.97
N ILE A 179 10.69 -12.20 -10.13
CA ILE A 179 9.32 -11.71 -10.18
C ILE A 179 8.30 -12.84 -10.08
N LEU A 180 8.77 -14.08 -10.12
CA LEU A 180 7.85 -15.22 -10.13
C LEU A 180 8.05 -16.15 -8.94
N THR A 181 9.29 -16.33 -8.50
CA THR A 181 9.59 -17.25 -7.42
C THR A 181 10.24 -16.57 -6.23
N GLY A 182 10.55 -15.28 -6.38
CA GLY A 182 11.18 -14.53 -5.32
C GLY A 182 12.60 -14.98 -5.00
N GLU A 183 13.19 -15.72 -5.93
CA GLU A 183 14.55 -16.23 -5.77
C GLU A 183 15.56 -15.10 -5.93
N SER A 184 16.37 -14.90 -4.90
CA SER A 184 17.30 -13.77 -4.84
C SER A 184 18.43 -13.90 -5.84
N VAL A 185 18.85 -15.13 -6.12
CA VAL A 185 19.92 -15.37 -7.07
C VAL A 185 19.39 -16.09 -8.30
N SER A 186 20.04 -15.87 -9.43
CA SER A 186 19.64 -16.50 -10.68
C SER A 186 19.91 -18.00 -10.61
N VAL A 187 19.12 -18.78 -11.34
CA VAL A 187 19.23 -20.23 -11.29
C VAL A 187 19.89 -20.79 -12.53
N ILE A 188 20.75 -21.79 -12.34
CA ILE A 188 21.39 -22.47 -13.45
C ILE A 188 20.48 -23.58 -13.94
N LYS A 189 20.23 -23.61 -15.26
CA LYS A 189 19.30 -24.56 -15.83
C LYS A 189 20.00 -25.78 -16.43
N HIS A 190 19.32 -26.91 -16.42
CA HIS A 190 19.79 -28.10 -17.11
C HIS A 190 18.72 -28.59 -18.08
N THR A 191 18.89 -29.80 -18.61
CA THR A 191 17.97 -30.32 -19.61
C THR A 191 17.35 -31.64 -19.19
N GLU A 192 17.90 -32.24 -18.14
CA GLU A 192 17.39 -33.50 -17.61
C GLU A 192 16.02 -33.33 -16.95
N PRO A 193 15.17 -34.36 -17.02
CA PRO A 193 13.83 -34.31 -16.44
C PRO A 193 13.84 -34.31 -14.90
N VAL A 194 12.81 -33.73 -14.30
CA VAL A 194 12.69 -33.70 -12.85
C VAL A 194 11.48 -34.52 -12.41
N PRO A 195 11.72 -35.77 -11.96
CA PRO A 195 10.66 -36.70 -11.57
C PRO A 195 10.09 -36.45 -10.18
N ASP A 196 10.21 -35.23 -9.68
CA ASP A 196 9.67 -34.90 -8.36
C ASP A 196 8.16 -34.64 -8.45
N PRO A 197 7.37 -35.44 -7.72
CA PRO A 197 5.91 -35.34 -7.72
C PRO A 197 5.39 -33.99 -7.21
N ARG A 198 5.78 -33.62 -6.00
CA ARG A 198 5.33 -32.38 -5.39
C ARG A 198 6.31 -31.24 -5.66
N ALA A 199 6.67 -31.08 -6.93
CA ALA A 199 7.68 -30.10 -7.33
C ALA A 199 7.07 -28.71 -7.53
N VAL A 200 7.72 -27.71 -6.93
CA VAL A 200 7.37 -26.32 -7.15
C VAL A 200 8.16 -25.83 -8.36
N ASN A 201 7.76 -24.68 -8.91
CA ASN A 201 8.47 -24.07 -10.04
C ASN A 201 9.96 -23.92 -9.75
N GLN A 202 10.29 -23.68 -8.49
CA GLN A 202 11.67 -23.49 -8.07
C GLN A 202 12.47 -24.79 -8.18
N ASP A 203 11.76 -25.91 -8.18
CA ASP A 203 12.39 -27.22 -8.34
C ASP A 203 12.48 -27.62 -9.81
N LYS A 204 11.70 -26.95 -10.64
CA LYS A 204 11.67 -27.26 -12.07
C LYS A 204 12.77 -26.51 -12.82
N LYS A 205 14.00 -27.02 -12.71
CA LYS A 205 15.16 -26.34 -13.28
C LYS A 205 15.43 -26.76 -14.72
N ASN A 206 14.45 -27.37 -15.37
CA ASN A 206 14.61 -27.79 -16.75
C ASN A 206 13.68 -27.01 -17.68
N MET A 207 13.00 -26.02 -17.13
CA MET A 207 12.07 -25.22 -17.92
C MET A 207 12.26 -23.72 -17.73
N LEU A 208 11.90 -22.95 -18.74
CA LEU A 208 11.90 -21.51 -18.68
C LEU A 208 10.47 -21.01 -18.47
N PHE A 209 10.31 -20.04 -17.58
CA PHE A 209 8.98 -19.52 -17.29
C PHE A 209 8.77 -18.15 -17.92
N SER A 210 7.57 -17.93 -18.45
CA SER A 210 7.23 -16.65 -19.06
C SER A 210 7.36 -15.52 -18.04
N GLY A 211 7.83 -14.36 -18.51
CA GLY A 211 7.98 -13.21 -17.65
C GLY A 211 9.34 -13.09 -17.00
N THR A 212 10.03 -14.22 -16.88
CA THR A 212 11.37 -14.23 -16.28
C THR A 212 12.41 -13.71 -17.27
N ASN A 213 13.63 -13.52 -16.78
CA ASN A 213 14.69 -12.94 -17.59
C ASN A 213 15.90 -13.87 -17.67
N ILE A 214 16.59 -13.85 -18.81
CA ILE A 214 17.80 -14.65 -18.99
C ILE A 214 19.01 -13.85 -18.52
N ALA A 215 19.72 -14.38 -17.54
CA ALA A 215 20.85 -13.67 -16.95
C ALA A 215 22.10 -13.78 -17.81
N ALA A 216 22.44 -15.01 -18.22
CA ALA A 216 23.63 -15.23 -19.03
C ALA A 216 23.50 -16.49 -19.88
N GLY A 217 24.17 -16.48 -21.03
CA GLY A 217 24.17 -17.62 -21.93
C GLY A 217 23.01 -17.61 -22.91
N LYS A 218 22.87 -18.71 -23.64
CA LYS A 218 21.75 -18.86 -24.58
C LYS A 218 21.35 -20.32 -24.69
N ALA A 219 20.10 -20.55 -25.07
CA ALA A 219 19.59 -21.89 -25.21
C ALA A 219 18.40 -21.93 -26.16
N LEU A 220 18.09 -23.12 -26.66
CA LEU A 220 16.94 -23.32 -27.55
C LEU A 220 15.98 -24.32 -26.92
N GLY A 221 14.70 -23.97 -26.89
CA GLY A 221 13.71 -24.80 -26.22
C GLY A 221 12.41 -25.00 -26.98
N ILE A 222 11.49 -25.74 -26.35
CA ILE A 222 10.19 -26.03 -26.94
C ILE A 222 9.10 -25.44 -26.05
N VAL A 223 8.17 -24.72 -26.66
CA VAL A 223 7.07 -24.12 -25.91
C VAL A 223 6.04 -25.17 -25.55
N ALA A 224 5.84 -25.38 -24.25
CA ALA A 224 4.93 -26.41 -23.78
C ALA A 224 3.61 -25.80 -23.31
N THR A 225 3.62 -24.50 -23.05
CA THR A 225 2.46 -23.84 -22.47
C THR A 225 2.40 -22.35 -22.83
N THR A 226 1.24 -21.90 -23.29
CA THR A 226 1.06 -20.50 -23.66
C THR A 226 -0.14 -19.86 -22.99
N GLY A 227 -0.24 -18.54 -23.10
CA GLY A 227 -1.40 -17.79 -22.65
C GLY A 227 -1.70 -17.84 -21.16
N VAL A 228 -2.98 -17.97 -20.83
CA VAL A 228 -3.43 -17.96 -19.45
C VAL A 228 -3.12 -19.29 -18.78
N SER A 229 -2.57 -20.23 -19.54
CA SER A 229 -2.20 -21.53 -19.00
C SER A 229 -0.80 -21.52 -18.40
N THR A 230 -0.04 -20.46 -18.68
CA THR A 230 1.31 -20.34 -18.15
C THR A 230 1.28 -20.07 -16.65
N GLU A 231 2.45 -20.11 -16.02
CA GLU A 231 2.56 -19.92 -14.59
C GLU A 231 2.08 -18.52 -14.17
N ILE A 232 2.23 -17.55 -15.06
CA ILE A 232 1.72 -16.21 -14.82
C ILE A 232 0.21 -16.22 -14.98
N GLY A 233 -0.27 -16.86 -16.05
CA GLY A 233 -1.69 -16.96 -16.31
C GLY A 233 -2.45 -17.70 -15.25
N LYS A 234 -1.81 -18.71 -14.66
CA LYS A 234 -2.42 -19.48 -13.58
C LYS A 234 -2.65 -18.59 -12.35
N ILE A 235 -1.73 -17.66 -12.13
CA ILE A 235 -1.83 -16.75 -10.99
C ILE A 235 -2.88 -15.67 -11.29
N ARG A 236 -2.94 -15.23 -12.54
CA ARG A 236 -3.92 -14.25 -12.96
C ARG A 236 -5.34 -14.73 -12.69
N ASP A 237 -5.56 -16.03 -12.91
CA ASP A 237 -6.84 -16.65 -12.62
C ASP A 237 -6.96 -16.99 -11.15
N GLN A 238 -5.83 -17.16 -10.49
CA GLN A 238 -5.79 -17.50 -9.07
C GLN A 238 -6.25 -16.31 -8.23
N MET A 239 -5.82 -15.11 -8.61
CA MET A 239 -6.27 -13.90 -7.93
C MET A 239 -7.66 -13.49 -8.42
N ALA A 240 -8.01 -13.93 -9.62
CA ALA A 240 -9.33 -13.66 -10.18
C ALA A 240 -10.39 -14.41 -9.38
N ALA A 241 -9.99 -15.53 -8.78
CA ALA A 241 -10.88 -16.32 -7.95
C ALA A 241 -10.87 -15.80 -6.52
N THR A 242 -9.78 -15.15 -6.14
CA THR A 242 -9.64 -14.57 -4.81
C THR A 242 -10.66 -13.46 -4.60
N GLU A 243 -11.42 -13.56 -3.52
CA GLU A 243 -12.44 -12.56 -3.19
C GLU A 243 -12.17 -11.93 -1.84
N GLN A 244 -12.39 -10.61 -1.75
CA GLN A 244 -12.18 -9.88 -0.51
C GLN A 244 -13.44 -9.14 -0.09
N ASP A 245 -13.64 -9.01 1.22
CA ASP A 245 -14.78 -8.27 1.74
C ASP A 245 -14.55 -6.77 1.61
N LYS A 246 -15.51 -5.98 2.08
CA LYS A 246 -15.36 -4.53 2.08
C LYS A 246 -14.29 -4.12 3.09
N THR A 247 -13.71 -2.94 2.90
CA THR A 247 -12.66 -2.45 3.79
C THR A 247 -13.20 -2.30 5.21
N PRO A 248 -12.35 -2.57 6.22
CA PRO A 248 -12.71 -2.47 7.64
C PRO A 248 -13.41 -1.17 8.00
N LEU A 249 -12.99 -0.06 7.42
CA LEU A 249 -13.63 1.22 7.69
C LEU A 249 -15.03 1.28 7.07
N GLN A 250 -15.13 0.80 5.83
CA GLN A 250 -16.40 0.84 5.11
C GLN A 250 -17.45 -0.04 5.77
N GLN A 251 -17.03 -1.19 6.31
CA GLN A 251 -17.95 -2.11 6.95
C GLN A 251 -18.22 -1.70 8.40
N LYS A 252 -17.38 -0.81 8.92
CA LYS A 252 -17.58 -0.31 10.28
C LYS A 252 -18.54 0.88 10.25
N LEU A 253 -18.56 1.58 9.12
CA LEU A 253 -19.53 2.66 8.91
C LEU A 253 -20.91 2.06 8.66
N ASP A 254 -20.93 0.89 8.02
CA ASP A 254 -22.18 0.21 7.70
C ASP A 254 -22.94 -0.23 8.95
N GLU A 255 -22.21 -0.75 9.94
CA GLU A 255 -22.85 -1.22 11.16
C GLU A 255 -23.37 -0.03 11.98
N PHE A 256 -22.76 1.13 11.78
CA PHE A 256 -23.25 2.35 12.42
C PHE A 256 -24.59 2.74 11.82
N GLY A 257 -24.71 2.53 10.51
CA GLY A 257 -25.95 2.81 9.81
C GLY A 257 -27.05 1.85 10.23
N GLU A 258 -26.68 0.60 10.45
CA GLU A 258 -27.63 -0.41 10.92
C GLU A 258 -28.14 -0.06 12.31
N GLN A 259 -27.32 0.64 13.09
CA GLN A 259 -27.71 1.11 14.41
C GLN A 259 -28.53 2.39 14.31
N LEU A 260 -28.25 3.19 13.28
CA LEU A 260 -28.99 4.41 13.05
C LEU A 260 -30.30 4.11 12.32
N SER A 261 -30.32 3.03 11.56
CA SER A 261 -31.53 2.61 10.87
C SER A 261 -32.55 2.03 11.84
N LYS A 262 -32.08 1.68 13.04
CA LYS A 262 -32.95 1.12 14.06
C LYS A 262 -33.67 2.24 14.81
N VAL A 263 -32.93 3.27 15.21
CA VAL A 263 -33.52 4.40 15.91
C VAL A 263 -34.39 5.20 14.95
N ILE A 264 -34.12 5.06 13.66
CA ILE A 264 -34.95 5.69 12.63
C ILE A 264 -36.28 4.96 12.57
N SER A 265 -36.24 3.65 12.77
CA SER A 265 -37.45 2.84 12.79
C SER A 265 -38.11 2.89 14.16
N LEU A 266 -37.32 3.20 15.18
CA LEU A 266 -37.81 3.24 16.55
C LEU A 266 -38.67 4.46 16.81
N ILE A 267 -38.15 5.64 16.47
CA ILE A 267 -38.88 6.88 16.69
C ILE A 267 -39.99 7.04 15.66
N CYS A 268 -39.95 6.21 14.62
CA CYS A 268 -40.98 6.23 13.59
C CYS A 268 -42.24 5.53 14.07
N VAL A 269 -42.08 4.58 14.97
CA VAL A 269 -43.21 3.83 15.50
C VAL A 269 -43.56 4.33 16.91
N ALA A 270 -42.61 4.99 17.56
CA ALA A 270 -42.82 5.51 18.90
C ALA A 270 -43.85 6.64 18.89
N VAL A 271 -43.66 7.60 18.00
CA VAL A 271 -44.58 8.72 17.86
C VAL A 271 -45.92 8.21 17.35
N TRP A 272 -45.88 7.11 16.61
CA TRP A 272 -47.08 6.52 16.04
C TRP A 272 -47.93 5.79 17.09
N LEU A 273 -47.29 5.28 18.13
CA LEU A 273 -48.00 4.50 19.14
C LEU A 273 -48.46 5.36 20.32
N ILE A 274 -47.70 6.40 20.64
CA ILE A 274 -48.05 7.26 21.76
C ILE A 274 -49.31 8.04 21.44
N ASN A 275 -49.59 8.21 20.15
CA ASN A 275 -50.82 8.83 19.70
C ASN A 275 -51.86 7.76 19.40
N ILE A 276 -52.03 6.84 20.35
CA ILE A 276 -53.03 5.79 20.23
C ILE A 276 -54.38 6.37 20.64
N GLY A 277 -55.46 5.71 20.24
CA GLY A 277 -56.80 6.24 20.46
C GLY A 277 -57.22 7.11 19.30
N HIS A 278 -56.29 7.96 18.85
CA HIS A 278 -56.49 8.75 17.65
C HIS A 278 -56.31 7.88 16.42
N PHE A 279 -55.43 6.89 16.53
CA PHE A 279 -55.19 5.96 15.44
C PHE A 279 -55.94 4.66 15.67
N ASN A 280 -55.87 3.75 14.70
CA ASN A 280 -56.53 2.45 14.73
C ASN A 280 -58.05 2.61 14.60
N ASP A 281 -58.50 3.83 14.34
CA ASP A 281 -59.91 4.11 14.09
C ASP A 281 -60.05 5.46 13.42
N PRO A 282 -60.89 5.54 12.38
CA PRO A 282 -61.13 6.79 11.64
C PRO A 282 -61.78 7.86 12.51
N VAL A 283 -61.11 9.01 12.63
CA VAL A 283 -61.65 10.13 13.41
C VAL A 283 -62.09 11.23 12.45
N HIS A 284 -62.72 12.26 12.98
CA HIS A 284 -63.20 13.39 12.18
C HIS A 284 -62.02 14.10 11.52
N GLY A 285 -61.75 13.73 10.26
CA GLY A 285 -60.64 14.30 9.52
C GLY A 285 -59.78 13.25 8.85
N GLY A 286 -59.59 13.40 7.54
CA GLY A 286 -58.80 12.45 6.78
C GLY A 286 -59.62 11.27 6.29
N SER A 287 -60.71 11.55 5.58
CA SER A 287 -61.59 10.51 5.07
C SER A 287 -61.14 10.02 3.70
N TRP A 288 -60.41 10.87 2.98
CA TRP A 288 -59.89 10.53 1.67
C TRP A 288 -58.86 9.40 1.79
N ILE A 289 -58.12 9.42 2.89
CA ILE A 289 -57.18 8.35 3.20
C ILE A 289 -57.67 7.57 4.42
N ARG A 290 -58.17 6.36 4.18
CA ARG A 290 -58.77 5.55 5.23
C ARG A 290 -57.76 5.18 6.32
N GLY A 291 -58.24 5.15 7.57
CA GLY A 291 -57.40 4.77 8.69
C GLY A 291 -56.78 5.95 9.40
N ALA A 292 -56.87 7.13 8.78
CA ALA A 292 -56.28 8.36 9.30
C ALA A 292 -54.79 8.19 9.58
N ILE A 293 -54.03 7.86 8.53
CA ILE A 293 -52.61 7.60 8.66
C ILE A 293 -51.79 8.88 8.73
N TYR A 294 -52.41 9.94 9.23
CA TYR A 294 -51.76 11.24 9.38
C TYR A 294 -50.63 11.18 10.41
N TYR A 295 -50.82 10.37 11.44
CA TYR A 295 -49.82 10.24 12.51
C TYR A 295 -48.60 9.47 12.04
N PHE A 296 -48.78 8.62 11.05
CA PHE A 296 -47.67 7.88 10.47
C PHE A 296 -46.80 8.80 9.64
N LYS A 297 -47.43 9.72 8.92
CA LYS A 297 -46.73 10.64 8.04
C LYS A 297 -45.82 11.60 8.81
N ILE A 298 -46.30 12.07 9.96
CA ILE A 298 -45.52 12.99 10.77
C ILE A 298 -44.43 12.24 11.52
N ALA A 299 -44.60 10.94 11.67
CA ALA A 299 -43.64 10.10 12.36
C ALA A 299 -42.46 9.78 11.44
N VAL A 300 -42.75 9.58 10.16
CA VAL A 300 -41.72 9.32 9.16
C VAL A 300 -40.87 10.56 8.96
N ALA A 301 -41.53 11.71 8.88
CA ALA A 301 -40.85 12.99 8.71
C ALA A 301 -39.92 13.28 9.89
N LEU A 302 -40.34 12.85 11.07
CA LEU A 302 -39.54 13.04 12.28
C LEU A 302 -38.36 12.07 12.30
N ALA A 303 -38.54 10.93 11.64
CA ALA A 303 -37.47 9.93 11.55
C ALA A 303 -36.37 10.42 10.62
N VAL A 304 -36.77 11.10 9.55
CA VAL A 304 -35.83 11.65 8.57
C VAL A 304 -35.03 12.78 9.21
N ALA A 305 -35.63 13.47 10.17
CA ALA A 305 -35.00 14.60 10.84
C ALA A 305 -33.83 14.15 11.71
N ALA A 306 -33.73 12.85 11.95
CA ALA A 306 -32.68 12.31 12.80
C ALA A 306 -31.39 12.04 12.03
N ILE A 307 -31.51 11.88 10.71
CA ILE A 307 -30.35 11.62 9.86
C ILE A 307 -29.48 12.88 9.77
N PRO A 308 -28.17 12.73 10.02
CA PRO A 308 -27.19 13.83 9.99
C PRO A 308 -27.03 14.46 8.61
N GLU A 309 -27.69 13.88 7.60
CA GLU A 309 -27.72 14.35 6.21
C GLU A 309 -26.40 14.89 5.64
N GLY A 310 -25.73 15.78 6.37
CA GLY A 310 -24.46 16.31 5.91
C GLY A 310 -23.29 15.36 6.11
N LEU A 311 -23.49 14.36 6.96
CA LEU A 311 -22.44 13.42 7.35
C LEU A 311 -21.77 12.65 6.20
N PRO A 312 -22.55 12.11 5.24
CA PRO A 312 -21.87 11.34 4.19
C PRO A 312 -20.96 12.18 3.29
N ALA A 313 -20.94 13.49 3.49
CA ALA A 313 -20.07 14.36 2.72
C ALA A 313 -18.81 14.72 3.51
N VAL A 314 -18.98 14.95 4.81
CA VAL A 314 -17.88 15.35 5.68
C VAL A 314 -16.93 14.16 5.89
N ILE A 315 -17.44 12.95 5.73
CA ILE A 315 -16.64 11.75 5.85
C ILE A 315 -15.73 11.62 4.64
N THR A 316 -16.33 11.64 3.46
CA THR A 316 -15.60 11.53 2.19
C THR A 316 -14.58 12.66 2.07
N THR A 317 -14.89 13.80 2.65
CA THR A 317 -13.97 14.93 2.66
C THR A 317 -12.71 14.59 3.46
N CYS A 318 -12.92 14.04 4.67
CA CYS A 318 -11.82 13.70 5.56
C CYS A 318 -10.88 12.68 4.93
N LEU A 319 -11.46 11.72 4.21
CA LEU A 319 -10.66 10.68 3.55
C LEU A 319 -9.93 11.25 2.35
N ALA A 320 -10.53 12.27 1.72
CA ALA A 320 -9.97 12.87 0.52
C ALA A 320 -8.66 13.59 0.80
N LEU A 321 -8.65 14.39 1.86
CA LEU A 321 -7.43 15.12 2.23
C LEU A 321 -6.37 14.15 2.76
N GLY A 322 -6.82 13.13 3.49
CA GLY A 322 -5.91 12.12 3.99
C GLY A 322 -5.28 11.30 2.88
N THR A 323 -5.90 11.33 1.71
CA THR A 323 -5.40 10.60 0.56
C THR A 323 -4.27 11.38 -0.12
N ARG A 324 -4.48 12.67 -0.33
CA ARG A 324 -3.48 13.49 -1.01
C ARG A 324 -2.26 13.74 -0.12
N ARG A 325 -2.44 13.56 1.19
CA ARG A 325 -1.31 13.61 2.12
C ARG A 325 -0.37 12.46 1.82
N MET A 326 -0.94 11.29 1.59
CA MET A 326 -0.18 10.10 1.24
C MET A 326 0.40 10.23 -0.17
N ALA A 327 -0.34 10.93 -1.03
CA ALA A 327 0.13 11.19 -2.38
C ALA A 327 1.38 12.07 -2.35
N LYS A 328 1.44 12.94 -1.34
CA LYS A 328 2.62 13.78 -1.12
C LYS A 328 3.79 12.91 -0.69
N LYS A 329 3.47 11.79 -0.04
CA LYS A 329 4.48 10.83 0.39
C LYS A 329 4.69 9.75 -0.67
N ASN A 330 4.30 10.06 -1.91
CA ASN A 330 4.42 9.14 -3.04
C ASN A 330 3.70 7.82 -2.78
N ALA A 331 2.46 7.91 -2.32
CA ALA A 331 1.66 6.72 -2.06
C ALA A 331 0.31 6.82 -2.77
N ILE A 332 0.10 5.96 -3.76
CA ILE A 332 -1.14 5.96 -4.54
C ILE A 332 -2.16 5.06 -3.87
N VAL A 333 -3.38 5.56 -3.67
CA VAL A 333 -4.43 4.81 -3.01
C VAL A 333 -5.62 4.61 -3.94
N ARG A 334 -6.06 3.35 -4.08
CA ARG A 334 -7.19 3.01 -4.93
C ARG A 334 -8.50 3.57 -4.37
N SER A 335 -9.06 2.86 -3.39
CA SER A 335 -10.33 3.25 -2.80
C SER A 335 -10.12 4.25 -1.66
N LEU A 336 -11.12 5.10 -1.42
CA LEU A 336 -11.03 6.12 -0.38
C LEU A 336 -10.98 5.57 1.04
N PRO A 337 -11.88 4.62 1.39
CA PRO A 337 -11.76 4.11 2.77
C PRO A 337 -10.58 3.17 2.99
N SER A 338 -9.70 3.03 2.00
CA SER A 338 -8.51 2.19 2.13
C SER A 338 -7.38 2.96 2.81
N VAL A 339 -7.59 4.24 3.07
CA VAL A 339 -6.58 5.08 3.68
C VAL A 339 -6.54 4.86 5.20
N GLU A 340 -7.58 4.20 5.72
CA GLU A 340 -7.67 3.95 7.14
C GLU A 340 -7.26 2.53 7.48
N THR A 341 -7.52 1.60 6.55
CA THR A 341 -7.33 0.18 6.78
C THR A 341 -5.94 -0.20 7.29
N LEU A 342 -4.95 0.67 7.04
CA LEU A 342 -3.60 0.42 7.48
C LEU A 342 -3.39 0.91 8.91
N GLY A 343 -4.39 1.61 9.45
CA GLY A 343 -4.32 2.14 10.79
C GLY A 343 -4.86 1.19 11.85
N CYS A 344 -5.49 0.12 11.38
CA CYS A 344 -6.03 -0.89 12.28
C CYS A 344 -5.49 -2.27 11.92
N THR A 345 -4.27 -2.29 11.40
CA THR A 345 -3.63 -3.52 10.99
C THR A 345 -2.84 -4.15 12.14
N SER A 346 -3.08 -5.43 12.39
CA SER A 346 -2.38 -6.15 13.46
C SER A 346 -1.13 -6.82 12.93
N VAL A 347 -1.19 -7.35 11.71
CA VAL A 347 -0.06 -8.05 11.11
C VAL A 347 0.25 -7.53 9.72
N ILE A 348 1.53 -7.19 9.49
CA ILE A 348 1.99 -6.83 8.16
C ILE A 348 2.79 -7.99 7.57
N CYS A 349 2.21 -8.66 6.58
CA CYS A 349 2.93 -9.71 5.87
C CYS A 349 3.73 -9.10 4.73
N SER A 350 5.05 -9.31 4.75
CA SER A 350 5.90 -8.74 3.71
C SER A 350 6.66 -9.83 2.95
N BFD A 351 6.84 -9.60 1.65
CA BFD A 351 7.59 -10.48 0.79
C BFD A 351 9.05 -9.98 0.93
O BFD A 351 9.37 -8.97 1.36
CB BFD A 351 7.12 -10.31 -0.64
CG BFD A 351 8.13 -10.80 -1.66
OD1 BFD A 351 8.50 -12.00 -1.60
OD2 BFD A 351 8.54 -9.97 -2.51
BE BFD A 351 9.56 -12.74 -2.43
F1 BFD A 351 10.84 -12.82 -1.62
F2 BFD A 351 9.05 -14.15 -2.71
F3 BFD A 351 9.91 -12.08 -3.77
N LYS A 352 9.98 -10.86 0.57
CA LYS A 352 11.40 -10.51 0.75
C LYS A 352 12.02 -9.88 -0.50
N THR A 353 12.35 -10.72 -1.47
CA THR A 353 13.02 -10.27 -2.67
C THR A 353 12.17 -9.27 -3.45
N GLY A 354 12.68 -8.05 -3.58
CA GLY A 354 12.00 -7.00 -4.31
C GLY A 354 11.18 -6.07 -3.44
N THR A 355 10.83 -6.52 -2.25
CA THR A 355 10.01 -5.75 -1.33
C THR A 355 10.82 -5.25 -0.15
N LEU A 356 11.23 -6.18 0.72
CA LEU A 356 12.07 -5.84 1.85
C LEU A 356 13.50 -5.56 1.42
N THR A 357 13.87 -6.10 0.25
CA THR A 357 15.20 -5.89 -0.30
C THR A 357 15.12 -5.19 -1.66
N THR A 358 16.22 -4.58 -2.08
CA THR A 358 16.26 -3.82 -3.32
C THR A 358 16.27 -4.73 -4.55
N ASN A 359 16.54 -6.01 -4.33
CA ASN A 359 16.70 -7.00 -5.40
C ASN A 359 17.77 -6.54 -6.38
N GLN A 360 18.85 -5.95 -5.84
CA GLN A 360 19.98 -5.49 -6.64
C GLN A 360 21.27 -5.79 -5.90
N MET A 361 22.04 -6.74 -6.41
CA MET A 361 23.28 -7.19 -5.78
C MET A 361 24.23 -6.02 -5.49
N SER A 362 24.79 -6.03 -4.29
CA SER A 362 25.66 -4.94 -3.86
C SER A 362 26.88 -5.44 -3.09
N VAL A 363 28.06 -5.08 -3.58
CA VAL A 363 29.29 -5.37 -2.88
C VAL A 363 29.42 -4.43 -1.69
N CYS A 364 29.34 -4.97 -0.48
CA CYS A 364 29.42 -4.15 0.72
C CYS A 364 30.75 -4.33 1.45
N LYS A 365 31.34 -5.52 1.32
CA LYS A 365 32.64 -5.78 1.93
C LYS A 365 33.66 -6.21 0.88
N MET A 366 34.94 -5.99 1.18
CA MET A 366 36.01 -6.14 0.21
C MET A 366 37.37 -6.04 0.89
N PHE A 367 38.24 -7.03 0.67
CA PHE A 367 39.57 -6.97 1.27
C PHE A 367 40.69 -7.42 0.33
N ILE A 368 41.91 -6.99 0.64
CA ILE A 368 43.10 -7.40 -0.09
C ILE A 368 44.20 -7.77 0.90
N ILE A 369 45.43 -7.84 0.43
CA ILE A 369 46.57 -8.16 1.29
C ILE A 369 47.29 -6.88 1.68
N ASP A 370 47.57 -6.75 2.98
CA ASP A 370 48.27 -5.57 3.49
C ASP A 370 49.76 -5.85 3.68
N LYS A 371 50.08 -6.76 4.60
CA LYS A 371 51.46 -7.11 4.89
C LYS A 371 51.60 -8.62 5.08
N VAL A 372 52.73 -9.16 4.60
CA VAL A 372 53.05 -10.57 4.80
C VAL A 372 54.43 -10.67 5.44
N ASP A 373 54.46 -10.92 6.74
CA ASP A 373 55.72 -11.07 7.46
C ASP A 373 55.95 -12.55 7.79
N GLY A 374 55.94 -13.38 6.75
CA GLY A 374 56.13 -14.82 6.92
C GLY A 374 55.03 -15.49 7.71
N ASP A 375 55.09 -15.35 9.03
CA ASP A 375 54.13 -15.99 9.93
C ASP A 375 52.95 -15.07 10.21
N PHE A 376 53.17 -13.77 10.04
CA PHE A 376 52.14 -12.77 10.30
C PHE A 376 51.49 -12.30 9.01
N CYS A 377 50.17 -12.41 8.94
CA CYS A 377 49.42 -11.95 7.77
C CYS A 377 48.30 -10.99 8.19
N SER A 378 48.39 -9.76 7.71
CA SER A 378 47.35 -8.77 7.96
C SER A 378 46.63 -8.46 6.66
N LEU A 379 45.41 -7.94 6.77
CA LEU A 379 44.59 -7.64 5.60
C LEU A 379 44.17 -6.19 5.56
N ASN A 380 43.82 -5.71 4.37
CA ASN A 380 43.22 -4.39 4.21
C ASN A 380 41.74 -4.55 3.86
N GLU A 381 40.88 -4.44 4.87
CA GLU A 381 39.45 -4.63 4.66
C GLU A 381 38.74 -3.30 4.43
N PHE A 382 37.81 -3.29 3.48
CA PHE A 382 37.07 -2.08 3.15
C PHE A 382 35.56 -2.34 3.14
N SER A 383 34.79 -1.30 3.44
CA SER A 383 33.33 -1.38 3.37
C SER A 383 32.82 -0.41 2.30
N ILE A 384 31.76 -0.80 1.60
CA ILE A 384 31.23 0.01 0.52
C ILE A 384 29.78 0.34 0.77
N THR A 385 29.48 1.64 0.89
CA THR A 385 28.12 2.09 1.13
C THR A 385 27.29 1.99 -0.14
N GLY A 386 26.01 1.64 0.03
CA GLY A 386 25.11 1.46 -1.09
C GLY A 386 24.18 0.29 -0.92
N SER A 387 23.22 0.16 -1.83
CA SER A 387 22.25 -0.92 -1.79
C SER A 387 21.58 -1.08 -3.15
N THR A 388 22.10 -0.37 -4.15
CA THR A 388 21.55 -0.41 -5.50
C THR A 388 22.65 -0.48 -6.54
N TYR A 389 22.26 -0.56 -7.81
CA TYR A 389 23.22 -0.63 -8.91
C TYR A 389 23.81 0.74 -9.23
N ALA A 390 23.39 1.76 -8.49
CA ALA A 390 23.82 3.13 -8.76
C ALA A 390 25.28 3.35 -8.35
N PRO A 391 26.02 4.11 -9.18
CA PRO A 391 27.42 4.48 -8.92
C PRO A 391 27.56 5.45 -7.74
N GLU A 392 26.51 5.58 -6.95
CA GLU A 392 26.50 6.45 -5.79
C GLU A 392 26.91 5.67 -4.55
N GLY A 393 28.00 6.12 -3.91
CA GLY A 393 28.51 5.44 -2.73
C GLY A 393 30.01 5.61 -2.59
N GLU A 394 30.49 5.55 -1.35
CA GLU A 394 31.91 5.76 -1.08
C GLU A 394 32.54 4.54 -0.43
N VAL A 395 33.84 4.35 -0.64
CA VAL A 395 34.57 3.24 -0.06
C VAL A 395 35.14 3.66 1.29
N LEU A 396 34.94 2.83 2.30
CA LEU A 396 35.39 3.15 3.65
C LEU A 396 36.40 2.12 4.16
N LYS A 397 37.39 2.59 4.89
CA LYS A 397 38.28 1.71 5.63
C LYS A 397 38.22 2.08 7.11
N ASN A 398 37.75 1.16 7.93
CA ASN A 398 37.49 1.40 9.36
C ASN A 398 36.46 2.52 9.53
N ASP A 399 35.39 2.45 8.75
CA ASP A 399 34.29 3.43 8.79
C ASP A 399 34.74 4.85 8.49
N LYS A 400 35.84 4.98 7.75
CA LYS A 400 36.33 6.29 7.34
C LYS A 400 36.56 6.30 5.84
N PRO A 401 36.11 7.37 5.16
CA PRO A 401 36.23 7.50 3.70
C PRO A 401 37.69 7.47 3.24
N ILE A 402 37.98 6.62 2.27
CA ILE A 402 39.33 6.53 1.72
C ILE A 402 39.29 6.65 0.20
N ARG A 403 40.45 6.97 -0.38
CA ARG A 403 40.59 6.99 -1.83
C ARG A 403 41.14 5.64 -2.27
N SER A 404 40.36 4.91 -3.06
CA SER A 404 40.73 3.55 -3.46
C SER A 404 42.00 3.54 -4.32
N GLY A 405 42.31 4.67 -4.93
CA GLY A 405 43.46 4.77 -5.81
C GLY A 405 44.81 4.61 -5.15
N GLN A 406 44.93 5.02 -3.90
CA GLN A 406 46.20 4.96 -3.20
C GLN A 406 46.45 3.57 -2.60
N PHE A 407 45.63 2.61 -2.99
CA PHE A 407 45.85 1.21 -2.65
C PHE A 407 46.11 0.40 -3.92
N ASP A 408 47.36 0.04 -4.14
CA ASP A 408 47.76 -0.69 -5.35
C ASP A 408 46.99 -1.99 -5.51
N GLY A 409 46.68 -2.64 -4.40
CA GLY A 409 45.91 -3.87 -4.42
C GLY A 409 44.49 -3.67 -4.92
N LEU A 410 43.90 -2.53 -4.56
CA LEU A 410 42.54 -2.21 -4.97
C LEU A 410 42.46 -1.85 -6.44
N VAL A 411 43.53 -1.25 -6.96
CA VAL A 411 43.57 -0.87 -8.37
C VAL A 411 43.52 -2.12 -9.24
N GLU A 412 44.22 -3.16 -8.81
CA GLU A 412 44.22 -4.42 -9.56
C GLU A 412 42.94 -5.18 -9.34
N LEU A 413 42.36 -5.03 -8.14
CA LEU A 413 41.09 -5.67 -7.82
C LEU A 413 39.99 -5.14 -8.74
N ALA A 414 40.02 -3.84 -8.99
CA ALA A 414 39.08 -3.20 -9.89
C ALA A 414 39.30 -3.66 -11.31
N THR A 415 40.58 -3.80 -11.69
CA THR A 415 40.95 -4.19 -13.04
C THR A 415 40.38 -5.56 -13.40
N ILE A 416 40.31 -6.45 -12.42
CA ILE A 416 39.74 -7.78 -12.63
C ILE A 416 38.23 -7.67 -12.76
N CYS A 417 37.62 -6.87 -11.89
CA CYS A 417 36.17 -6.71 -11.87
C CYS A 417 35.65 -6.08 -13.16
N ALA A 418 36.49 -5.27 -13.80
CA ALA A 418 36.10 -4.58 -15.02
C ALA A 418 36.33 -5.43 -16.26
N LEU A 419 37.42 -6.18 -16.27
CA LEU A 419 37.78 -6.98 -17.45
C LEU A 419 37.14 -8.35 -17.44
N CYS A 420 37.23 -9.06 -16.32
CA CYS A 420 36.58 -10.35 -16.19
C CYS A 420 35.10 -10.15 -15.92
N ASN A 421 34.38 -9.67 -16.93
CA ASN A 421 32.99 -9.28 -16.77
C ASN A 421 32.28 -9.22 -18.12
N ASP A 422 31.20 -9.98 -18.26
CA ASP A 422 30.43 -9.99 -19.49
C ASP A 422 29.10 -9.24 -19.31
N SER A 423 29.03 -8.39 -18.29
CA SER A 423 27.83 -7.63 -18.02
C SER A 423 28.15 -6.14 -17.87
N SER A 424 27.15 -5.31 -18.13
CA SER A 424 27.33 -3.87 -18.05
C SER A 424 26.21 -3.21 -17.25
N LEU A 425 26.31 -1.90 -17.09
CA LEU A 425 25.32 -1.13 -16.35
C LEU A 425 24.66 -0.12 -17.27
N ASP A 426 23.33 -0.07 -17.25
CA ASP A 426 22.60 0.86 -18.11
C ASP A 426 21.65 1.72 -17.29
N PHE A 427 21.49 2.98 -17.71
CA PHE A 427 20.57 3.90 -17.04
C PHE A 427 19.26 4.01 -17.80
N ASN A 428 18.19 3.45 -17.22
CA ASN A 428 16.87 3.58 -17.80
C ASN A 428 16.36 5.00 -17.58
N GLU A 429 16.57 5.86 -18.57
CA GLU A 429 16.20 7.26 -18.45
C GLU A 429 14.70 7.46 -18.45
N THR A 430 13.96 6.42 -18.84
CA THR A 430 12.50 6.45 -18.78
C THR A 430 12.02 6.32 -17.34
N LYS A 431 12.58 5.35 -16.63
CA LYS A 431 12.21 5.11 -15.24
C LYS A 431 13.10 5.88 -14.28
N GLY A 432 14.16 6.48 -14.82
CA GLY A 432 15.06 7.32 -14.03
C GLY A 432 15.89 6.56 -13.02
N VAL A 433 16.18 5.30 -13.31
CA VAL A 433 16.97 4.47 -12.42
C VAL A 433 18.04 3.69 -13.18
N TYR A 434 18.99 3.12 -12.45
CA TYR A 434 20.02 2.28 -13.05
C TYR A 434 19.57 0.83 -13.10
N GLU A 435 19.70 0.20 -14.26
CA GLU A 435 19.28 -1.18 -14.44
C GLU A 435 20.47 -2.05 -14.86
N LYS A 436 20.39 -3.35 -14.61
CA LYS A 436 21.48 -4.25 -14.95
C LYS A 436 21.38 -4.75 -16.38
N VAL A 437 22.52 -5.07 -16.97
CA VAL A 437 22.56 -5.67 -18.29
C VAL A 437 23.26 -7.02 -18.17
N GLY A 438 22.47 -8.08 -18.06
CA GLY A 438 23.01 -9.42 -17.92
C GLY A 438 22.82 -10.02 -16.54
N GLU A 439 23.93 -10.47 -15.95
CA GLU A 439 23.89 -11.11 -14.63
C GLU A 439 24.07 -10.09 -13.50
N ALA A 440 23.24 -10.23 -12.47
CA ALA A 440 23.26 -9.33 -11.32
C ALA A 440 24.59 -9.41 -10.56
N THR A 441 25.17 -10.60 -10.51
CA THR A 441 26.42 -10.82 -9.78
C THR A 441 27.57 -10.03 -10.40
N GLU A 442 27.57 -9.92 -11.72
CA GLU A 442 28.61 -9.20 -12.44
C GLU A 442 28.36 -7.70 -12.43
N THR A 443 27.10 -7.30 -12.57
CA THR A 443 26.72 -5.90 -12.55
C THR A 443 27.11 -5.26 -11.23
N ALA A 444 27.01 -6.03 -10.15
CA ALA A 444 27.45 -5.57 -8.84
C ALA A 444 28.92 -5.19 -8.88
N LEU A 445 29.72 -5.98 -9.60
CA LEU A 445 31.13 -5.70 -9.76
C LEU A 445 31.32 -4.43 -10.59
N THR A 446 30.47 -4.24 -11.58
CA THR A 446 30.51 -3.04 -12.42
C THR A 446 30.22 -1.81 -11.59
N THR A 447 29.22 -1.91 -10.72
CA THR A 447 28.86 -0.82 -9.82
C THR A 447 29.99 -0.53 -8.84
N LEU A 448 30.66 -1.59 -8.40
CA LEU A 448 31.78 -1.47 -7.47
C LEU A 448 32.92 -0.65 -8.06
N VAL A 449 33.24 -0.91 -9.33
CA VAL A 449 34.32 -0.21 -10.02
C VAL A 449 33.98 1.26 -10.16
N GLU A 450 32.74 1.55 -10.52
CA GLU A 450 32.29 2.93 -10.70
C GLU A 450 32.31 3.72 -9.40
N LYS A 451 32.11 3.02 -8.28
CA LYS A 451 32.14 3.66 -6.98
C LYS A 451 33.58 3.84 -6.49
N MET A 452 34.43 2.85 -6.76
CA MET A 452 35.82 2.90 -6.34
C MET A 452 36.59 4.04 -7.03
N ASN A 453 36.55 4.06 -8.36
CA ASN A 453 37.26 5.05 -9.16
C ASN A 453 38.74 5.06 -8.78
N VAL A 454 39.46 4.04 -9.21
CA VAL A 454 40.84 3.83 -8.78
C VAL A 454 41.81 4.81 -9.41
N PHE A 455 41.41 5.43 -10.51
CA PHE A 455 42.30 6.36 -11.21
C PHE A 455 41.89 7.81 -10.94
N ASN A 456 40.92 7.99 -10.06
CA ASN A 456 40.45 9.31 -9.64
C ASN A 456 40.03 10.16 -10.83
N THR A 457 39.05 9.65 -11.58
CA THR A 457 38.55 10.33 -12.76
C THR A 457 37.43 11.29 -12.41
N GLU A 458 37.51 12.52 -12.91
CA GLU A 458 36.45 13.49 -12.69
C GLU A 458 35.23 13.12 -13.53
N VAL A 459 34.08 13.02 -12.88
CA VAL A 459 32.86 12.57 -13.54
C VAL A 459 31.66 13.44 -13.16
N ARG A 460 31.95 14.60 -12.59
CA ARG A 460 30.89 15.49 -12.08
C ARG A 460 29.90 15.92 -13.15
N ASN A 461 30.40 16.38 -14.29
CA ASN A 461 29.55 16.98 -15.31
C ASN A 461 29.07 15.96 -16.35
N LEU A 462 29.02 14.69 -15.96
CA LEU A 462 28.56 13.64 -16.86
C LEU A 462 27.10 13.26 -16.58
N SER A 463 26.34 13.01 -17.64
CA SER A 463 24.96 12.58 -17.51
C SER A 463 24.90 11.18 -16.90
N LYS A 464 23.74 10.83 -16.36
CA LYS A 464 23.57 9.54 -15.69
C LYS A 464 23.66 8.38 -16.67
N VAL A 465 23.54 8.68 -17.96
CA VAL A 465 23.62 7.67 -19.01
C VAL A 465 25.07 7.20 -19.20
N GLU A 466 25.98 8.16 -19.35
CA GLU A 466 27.38 7.85 -19.60
C GLU A 466 28.18 7.70 -18.31
N ARG A 467 27.51 7.90 -17.18
CA ARG A 467 28.13 7.72 -15.87
C ARG A 467 28.13 6.24 -15.48
N ALA A 468 27.21 5.49 -16.08
CA ALA A 468 26.99 4.09 -15.73
C ALA A 468 28.21 3.21 -15.98
N ASN A 469 28.98 3.53 -17.03
CA ASN A 469 30.15 2.73 -17.37
C ASN A 469 31.37 3.60 -17.62
N ALA A 470 31.47 4.70 -16.87
CA ALA A 470 32.56 5.66 -17.06
C ALA A 470 33.89 5.10 -16.56
N CYS A 471 33.93 4.77 -15.27
CA CYS A 471 35.16 4.28 -14.64
C CYS A 471 35.61 2.94 -15.20
N ASN A 472 34.67 2.19 -15.77
CA ASN A 472 34.98 0.89 -16.36
C ASN A 472 35.62 1.05 -17.74
N SER A 473 35.17 2.05 -18.48
CA SER A 473 35.68 2.29 -19.83
C SER A 473 37.13 2.80 -19.77
N VAL A 474 37.54 3.29 -18.60
CA VAL A 474 38.91 3.75 -18.42
C VAL A 474 39.83 2.55 -18.28
N ILE A 475 39.37 1.54 -17.55
CA ILE A 475 40.14 0.32 -17.35
C ILE A 475 40.25 -0.47 -18.65
N ARG A 476 39.14 -0.53 -19.40
CA ARG A 476 39.09 -1.30 -20.64
C ARG A 476 39.94 -0.70 -21.76
N GLN A 477 40.50 0.49 -21.51
CA GLN A 477 41.40 1.11 -22.47
C GLN A 477 42.84 0.65 -22.25
N LEU A 478 43.07 -0.03 -21.13
CA LEU A 478 44.41 -0.48 -20.77
C LEU A 478 44.74 -1.81 -21.42
N MET A 479 43.92 -2.81 -21.14
CA MET A 479 44.13 -4.15 -21.68
C MET A 479 43.16 -4.45 -22.82
N LYS A 480 43.51 -5.43 -23.64
CA LYS A 480 42.66 -5.84 -24.75
C LYS A 480 42.16 -7.27 -24.53
N LYS A 481 40.86 -7.42 -24.34
CA LYS A 481 40.26 -8.73 -24.10
C LYS A 481 40.32 -9.58 -25.37
N GLU A 482 41.24 -10.53 -25.38
CA GLU A 482 41.41 -11.42 -26.53
C GLU A 482 40.25 -12.42 -26.61
N PHE A 483 39.98 -13.08 -25.49
CA PHE A 483 38.88 -14.04 -25.40
C PHE A 483 38.52 -14.32 -23.95
N THR A 484 37.38 -14.97 -23.73
CA THR A 484 36.93 -15.27 -22.39
C THR A 484 36.66 -16.76 -22.19
N LEU A 485 37.04 -17.28 -21.03
CA LEU A 485 36.76 -18.66 -20.68
C LEU A 485 35.49 -18.72 -19.85
N GLU A 486 34.40 -19.16 -20.48
CA GLU A 486 33.07 -19.13 -19.87
C GLU A 486 32.99 -19.94 -18.57
N PHE A 487 31.98 -19.62 -17.76
CA PHE A 487 31.74 -20.30 -16.50
C PHE A 487 31.39 -21.77 -16.71
N SER A 488 31.91 -22.64 -15.85
CA SER A 488 31.58 -24.06 -15.89
C SER A 488 31.27 -24.57 -14.49
N ARG A 489 30.42 -25.60 -14.41
CA ARG A 489 29.97 -26.12 -13.13
C ARG A 489 31.06 -26.90 -12.40
N ASP A 490 31.87 -27.64 -13.15
CA ASP A 490 32.91 -28.47 -12.57
C ASP A 490 34.02 -27.63 -11.94
N ARG A 491 34.12 -26.38 -12.37
CA ARG A 491 35.21 -25.49 -11.95
C ARG A 491 34.68 -24.34 -11.11
N LYS A 492 33.49 -23.87 -11.44
CA LYS A 492 32.83 -22.77 -10.73
C LYS A 492 33.69 -21.50 -10.68
N SER A 493 34.16 -21.09 -11.84
CA SER A 493 34.89 -19.84 -12.00
C SER A 493 34.99 -19.50 -13.48
N MET A 494 35.47 -18.30 -13.79
CA MET A 494 35.69 -17.90 -15.17
C MET A 494 36.90 -16.98 -15.28
N SER A 495 37.39 -16.80 -16.49
CA SER A 495 38.57 -15.96 -16.70
C SER A 495 38.58 -15.33 -18.09
N VAL A 496 39.42 -14.32 -18.27
CA VAL A 496 39.57 -13.66 -19.55
C VAL A 496 41.05 -13.53 -19.89
N TYR A 497 41.37 -13.56 -21.18
CA TYR A 497 42.74 -13.40 -21.63
C TYR A 497 42.94 -12.00 -22.19
N CYS A 498 43.86 -11.24 -21.59
CA CYS A 498 44.04 -9.85 -21.97
C CYS A 498 45.49 -9.53 -22.31
N SER A 499 45.67 -8.77 -23.39
CA SER A 499 46.98 -8.29 -23.81
C SER A 499 47.01 -6.77 -23.69
N PRO A 500 48.19 -6.20 -23.39
CA PRO A 500 48.30 -4.74 -23.27
C PRO A 500 47.92 -4.01 -24.55
N ALA A 501 47.46 -2.78 -24.42
CA ALA A 501 47.02 -2.00 -25.58
C ALA A 501 47.83 -0.73 -25.74
N LYS A 502 47.88 -0.23 -26.98
CA LYS A 502 48.56 1.02 -27.32
C LYS A 502 50.05 0.98 -26.99
N SER A 503 50.59 -0.23 -26.82
CA SER A 503 51.99 -0.44 -26.48
C SER A 503 52.42 0.31 -25.23
N SER A 504 51.46 0.57 -24.33
CA SER A 504 51.75 1.24 -23.07
C SER A 504 52.21 0.24 -22.02
N ARG A 505 53.42 0.47 -21.50
CA ARG A 505 54.06 -0.47 -20.57
C ARG A 505 54.10 -1.88 -21.16
N ALA A 506 54.76 -2.01 -22.30
CA ALA A 506 54.85 -3.28 -23.01
C ALA A 506 55.93 -4.17 -22.41
N ALA A 507 56.51 -3.74 -21.30
CA ALA A 507 57.53 -4.53 -20.60
C ALA A 507 56.91 -5.82 -20.07
N VAL A 508 55.68 -5.72 -19.60
CA VAL A 508 54.95 -6.89 -19.12
C VAL A 508 54.26 -7.57 -20.30
N GLY A 509 54.04 -8.87 -20.19
CA GLY A 509 53.37 -9.63 -21.23
C GLY A 509 51.87 -9.65 -21.05
N ASN A 510 51.21 -10.60 -21.71
CA ASN A 510 49.76 -10.74 -21.59
C ASN A 510 49.40 -11.19 -20.18
N LYS A 511 48.14 -11.00 -19.81
CA LYS A 511 47.67 -11.40 -18.48
C LYS A 511 46.41 -12.24 -18.57
N MET A 512 45.97 -12.76 -17.44
CA MET A 512 44.78 -13.59 -17.37
C MET A 512 44.08 -13.39 -16.03
N PHE A 513 42.95 -12.67 -16.05
CA PHE A 513 42.23 -12.33 -14.82
C PHE A 513 41.14 -13.34 -14.51
N VAL A 514 41.10 -13.80 -13.25
CA VAL A 514 40.21 -14.88 -12.85
C VAL A 514 39.29 -14.45 -11.70
N LYS A 515 38.06 -14.93 -11.73
CA LYS A 515 37.15 -14.77 -10.60
C LYS A 515 36.30 -16.03 -10.43
N GLY A 516 35.97 -16.36 -9.19
CA GLY A 516 35.17 -17.54 -8.91
C GLY A 516 35.06 -17.85 -7.43
N ALA A 517 34.50 -19.01 -7.12
CA ALA A 517 34.33 -19.45 -5.74
C ALA A 517 35.68 -19.50 -5.02
N PRO A 518 35.77 -18.83 -3.86
CA PRO A 518 36.99 -18.64 -3.05
C PRO A 518 37.86 -19.88 -2.90
N GLU A 519 37.37 -20.91 -2.24
CA GLU A 519 38.17 -22.10 -1.97
C GLU A 519 38.73 -22.71 -3.25
N GLY A 520 37.93 -22.71 -4.31
CA GLY A 520 38.35 -23.25 -5.59
C GLY A 520 39.39 -22.40 -6.31
N VAL A 521 39.26 -21.08 -6.17
CA VAL A 521 40.19 -20.16 -6.81
C VAL A 521 41.52 -20.13 -6.06
N ILE A 522 41.44 -20.11 -4.73
CA ILE A 522 42.62 -20.01 -3.89
C ILE A 522 43.46 -21.29 -3.95
N ASP A 523 42.79 -22.43 -4.07
CA ASP A 523 43.49 -23.71 -4.19
C ASP A 523 44.37 -23.74 -5.44
N ARG A 524 44.03 -22.91 -6.42
CA ARG A 524 44.81 -22.82 -7.65
C ARG A 524 45.74 -21.61 -7.63
N CYS A 525 45.92 -21.02 -6.46
CA CYS A 525 46.84 -19.89 -6.30
C CYS A 525 48.15 -20.35 -5.67
N ASN A 526 49.26 -19.82 -6.17
CA ASN A 526 50.57 -20.12 -5.62
C ASN A 526 51.24 -18.84 -5.10
N TYR A 527 50.68 -17.70 -5.51
CA TYR A 527 51.21 -16.42 -5.08
C TYR A 527 50.09 -15.53 -4.55
N VAL A 528 50.44 -14.60 -3.67
CA VAL A 528 49.51 -13.57 -3.27
C VAL A 528 50.18 -12.21 -3.51
N ARG A 529 49.42 -11.27 -4.04
CA ARG A 529 49.98 -9.95 -4.31
C ARG A 529 49.82 -9.04 -3.12
N VAL A 530 50.89 -8.35 -2.77
CA VAL A 530 50.88 -7.37 -1.69
C VAL A 530 51.07 -5.99 -2.30
N GLY A 531 49.96 -5.40 -2.76
CA GLY A 531 50.01 -4.13 -3.45
C GLY A 531 50.48 -4.30 -4.89
N THR A 532 51.76 -4.01 -5.13
CA THR A 532 52.33 -4.17 -6.47
C THR A 532 53.29 -5.35 -6.52
N THR A 533 53.74 -5.80 -5.35
CA THR A 533 54.68 -6.90 -5.26
C THR A 533 53.97 -8.23 -5.01
N ARG A 534 54.65 -9.33 -5.35
CA ARG A 534 54.08 -10.66 -5.18
C ARG A 534 54.92 -11.49 -4.21
N VAL A 535 54.23 -12.29 -3.39
CA VAL A 535 54.91 -13.20 -2.47
C VAL A 535 54.20 -14.56 -2.54
N PRO A 536 54.96 -15.65 -2.28
CA PRO A 536 54.42 -17.01 -2.33
C PRO A 536 53.22 -17.24 -1.41
N MET A 537 52.38 -18.21 -1.73
CA MET A 537 51.24 -18.57 -0.91
C MET A 537 51.69 -19.43 0.27
N THR A 538 51.72 -18.83 1.46
CA THR A 538 52.13 -19.56 2.65
C THR A 538 50.90 -20.12 3.37
N GLY A 539 51.12 -21.12 4.22
CA GLY A 539 50.07 -21.68 5.06
C GLY A 539 49.27 -20.65 5.85
N PRO A 540 49.96 -19.87 6.71
CA PRO A 540 49.33 -18.78 7.48
C PRO A 540 48.51 -17.83 6.62
N VAL A 541 49.10 -17.36 5.51
CA VAL A 541 48.40 -16.46 4.60
C VAL A 541 47.14 -17.13 4.08
N LYS A 542 47.29 -18.37 3.60
CA LYS A 542 46.19 -19.18 3.12
C LYS A 542 45.07 -19.28 4.15
N GLU A 543 45.45 -19.46 5.41
CA GLU A 543 44.48 -19.60 6.49
C GLU A 543 43.79 -18.28 6.82
N LYS A 544 44.57 -17.20 6.86
CA LYS A 544 44.03 -15.87 7.15
C LYS A 544 42.97 -15.47 6.15
N ILE A 545 43.14 -15.92 4.90
CA ILE A 545 42.18 -15.62 3.85
C ILE A 545 40.90 -16.40 4.06
N LEU A 546 41.02 -17.72 4.17
CA LEU A 546 39.86 -18.60 4.28
C LEU A 546 39.04 -18.35 5.54
N SER A 547 39.71 -17.93 6.61
CA SER A 547 39.03 -17.65 7.87
C SER A 547 38.07 -16.47 7.73
N VAL A 548 38.51 -15.44 7.03
CA VAL A 548 37.71 -14.25 6.81
C VAL A 548 36.58 -14.53 5.83
N ILE A 549 36.89 -15.31 4.79
CA ILE A 549 35.90 -15.67 3.78
C ILE A 549 34.79 -16.49 4.42
N LYS A 550 35.17 -17.41 5.29
CA LYS A 550 34.20 -18.25 5.99
C LYS A 550 33.36 -17.40 6.93
N GLU A 551 33.99 -16.40 7.54
CA GLU A 551 33.29 -15.48 8.43
C GLU A 551 32.27 -14.64 7.66
N TRP A 552 32.71 -14.08 6.54
CA TRP A 552 31.83 -13.27 5.70
C TRP A 552 30.72 -14.12 5.07
N GLY A 553 30.96 -15.42 4.97
CA GLY A 553 30.00 -16.32 4.35
C GLY A 553 28.79 -16.63 5.21
N THR A 554 28.92 -16.37 6.51
CA THR A 554 27.84 -16.69 7.46
C THR A 554 27.72 -15.65 8.57
N GLY A 555 26.93 -15.99 9.58
CA GLY A 555 26.81 -15.19 10.78
C GLY A 555 26.16 -13.83 10.62
N ARG A 556 26.76 -12.83 11.25
CA ARG A 556 26.24 -11.47 11.28
C ARG A 556 26.05 -10.88 9.89
N ASP A 557 27.07 -11.05 9.04
CA ASP A 557 27.03 -10.50 7.69
C ASP A 557 27.15 -11.59 6.65
N THR A 558 26.11 -12.43 6.53
CA THR A 558 26.08 -13.48 5.53
C THR A 558 26.16 -12.90 4.12
N LEU A 559 27.24 -13.21 3.41
CA LEU A 559 27.47 -12.64 2.09
C LEU A 559 27.78 -13.70 1.04
N ARG A 560 27.73 -13.29 -0.22
CA ARG A 560 28.16 -14.11 -1.34
C ARG A 560 29.56 -13.67 -1.73
N CYS A 561 30.56 -14.45 -1.34
CA CYS A 561 31.95 -14.06 -1.55
C CYS A 561 32.52 -14.56 -2.87
N LEU A 562 33.55 -13.88 -3.35
CA LEU A 562 34.14 -14.17 -4.64
C LEU A 562 35.62 -13.82 -4.65
N ALA A 563 36.48 -14.81 -4.89
CA ALA A 563 37.92 -14.59 -4.88
C ALA A 563 38.40 -14.06 -6.23
N LEU A 564 39.33 -13.11 -6.18
CA LEU A 564 39.86 -12.49 -7.39
C LEU A 564 41.36 -12.74 -7.52
N ALA A 565 41.76 -13.23 -8.69
CA ALA A 565 43.15 -13.58 -8.92
C ALA A 565 43.58 -13.29 -10.35
N THR A 566 44.88 -13.19 -10.56
CA THR A 566 45.44 -13.01 -11.91
C THR A 566 46.47 -14.08 -12.21
N ARG A 567 46.71 -14.32 -13.49
CA ARG A 567 47.78 -15.22 -13.90
C ARG A 567 48.88 -14.39 -14.57
N ASP A 568 49.95 -14.14 -13.83
CA ASP A 568 51.01 -13.25 -14.28
C ASP A 568 51.72 -13.74 -15.54
N THR A 569 51.89 -15.06 -15.65
CA THR A 569 52.52 -15.64 -16.82
C THR A 569 51.62 -16.67 -17.47
N PRO A 570 50.65 -16.20 -18.28
CA PRO A 570 49.70 -17.07 -18.98
C PRO A 570 50.33 -17.80 -20.15
N PRO A 571 49.76 -18.95 -20.54
CA PRO A 571 50.23 -19.70 -21.71
C PRO A 571 50.06 -18.91 -23.00
N LYS A 572 50.84 -19.26 -24.03
CA LYS A 572 50.66 -18.66 -25.35
C LYS A 572 49.29 -19.08 -25.88
N ARG A 573 48.58 -18.15 -26.50
CA ARG A 573 47.19 -18.37 -26.89
C ARG A 573 47.03 -19.43 -27.97
N GLU A 574 48.09 -19.72 -28.71
CA GLU A 574 48.06 -20.76 -29.72
C GLU A 574 48.10 -22.14 -29.08
N GLU A 575 48.57 -22.21 -27.85
CA GLU A 575 48.65 -23.47 -27.12
C GLU A 575 47.46 -23.65 -26.19
N MET A 576 46.38 -22.94 -26.47
CA MET A 576 45.15 -23.05 -25.68
C MET A 576 43.95 -23.36 -26.57
N VAL A 577 43.16 -24.35 -26.17
CA VAL A 577 42.00 -24.78 -26.94
C VAL A 577 40.73 -24.33 -26.24
N LEU A 578 39.84 -23.67 -27.00
CA LEU A 578 38.61 -23.13 -26.44
C LEU A 578 37.39 -23.95 -26.85
N ASP A 579 37.61 -25.22 -27.15
CA ASP A 579 36.52 -26.09 -27.57
C ASP A 579 35.88 -26.79 -26.38
N ASP A 580 36.71 -27.34 -25.50
CA ASP A 580 36.22 -28.07 -24.34
C ASP A 580 36.46 -27.27 -23.05
N SER A 581 35.40 -27.08 -22.27
CA SER A 581 35.48 -26.26 -21.07
C SER A 581 36.08 -27.04 -19.90
N SER A 582 36.30 -28.34 -20.09
CA SER A 582 36.91 -29.16 -19.05
C SER A 582 38.42 -28.93 -19.02
N ARG A 583 38.92 -28.18 -20.00
CA ARG A 583 40.32 -27.84 -20.07
C ARG A 583 40.58 -26.52 -19.35
N PHE A 584 39.50 -25.79 -19.10
CA PHE A 584 39.58 -24.41 -18.61
C PHE A 584 40.18 -24.30 -17.20
N MET A 585 39.85 -25.25 -16.33
CA MET A 585 40.35 -25.21 -14.95
C MET A 585 41.86 -25.31 -14.92
N GLU A 586 42.43 -26.08 -15.83
CA GLU A 586 43.87 -26.25 -15.91
C GLU A 586 44.56 -24.97 -16.36
N TYR A 587 43.92 -24.24 -17.27
CA TYR A 587 44.45 -22.96 -17.73
C TYR A 587 44.48 -21.96 -16.58
N GLU A 588 43.52 -22.09 -15.67
CA GLU A 588 43.40 -21.18 -14.53
C GLU A 588 44.17 -21.70 -13.32
N THR A 589 45.47 -21.97 -13.52
CA THR A 589 46.32 -22.44 -12.44
C THR A 589 47.54 -21.53 -12.30
N ASP A 590 48.35 -21.79 -11.27
CA ASP A 590 49.52 -20.98 -10.97
C ASP A 590 49.12 -19.50 -10.86
N LEU A 591 48.04 -19.26 -10.12
CA LEU A 591 47.44 -17.93 -10.05
C LEU A 591 48.02 -17.09 -8.92
N THR A 592 47.76 -15.78 -8.97
CA THR A 592 48.16 -14.86 -7.91
C THR A 592 46.92 -14.24 -7.27
N PHE A 593 46.70 -14.56 -5.99
CA PHE A 593 45.55 -14.03 -5.27
C PHE A 593 45.66 -12.53 -5.08
N VAL A 594 44.56 -11.83 -5.37
CA VAL A 594 44.53 -10.38 -5.25
C VAL A 594 43.63 -9.94 -4.10
N GLY A 595 42.39 -10.39 -4.12
CA GLY A 595 41.43 -10.04 -3.09
C GLY A 595 40.09 -10.75 -3.20
N VAL A 596 39.20 -10.45 -2.26
CA VAL A 596 37.87 -11.05 -2.22
C VAL A 596 36.81 -9.98 -1.96
N VAL A 597 35.71 -10.04 -2.72
CA VAL A 597 34.60 -9.12 -2.50
C VAL A 597 33.41 -9.85 -1.89
N GLY A 598 32.69 -9.16 -1.00
CA GLY A 598 31.50 -9.71 -0.39
C GLY A 598 30.25 -8.96 -0.82
N MET A 599 29.25 -9.70 -1.26
CA MET A 599 28.03 -9.08 -1.77
C MET A 599 26.78 -9.78 -1.28
N LEU A 600 25.65 -9.10 -1.40
CA LEU A 600 24.35 -9.66 -1.03
C LEU A 600 23.22 -8.85 -1.65
N ASP A 601 22.02 -9.43 -1.64
CA ASP A 601 20.82 -8.67 -1.93
C ASP A 601 20.43 -7.94 -0.64
N PRO A 602 20.71 -6.63 -0.59
CA PRO A 602 20.61 -5.87 0.66
C PRO A 602 19.20 -5.39 0.99
N PRO A 603 18.89 -5.31 2.28
CA PRO A 603 17.61 -4.73 2.73
C PRO A 603 17.54 -3.24 2.41
N ARG A 604 16.34 -2.73 2.17
CA ARG A 604 16.16 -1.30 1.96
C ARG A 604 16.42 -0.57 3.27
N LYS A 605 17.08 0.58 3.18
CA LYS A 605 17.58 1.28 4.37
C LYS A 605 16.47 1.72 5.33
N GLU A 606 15.24 1.84 4.83
CA GLU A 606 14.13 2.29 5.65
C GLU A 606 13.39 1.14 6.32
N VAL A 607 13.76 -0.10 5.94
CA VAL A 607 13.02 -1.27 6.39
C VAL A 607 13.22 -1.56 7.88
N MET A 608 14.47 -1.53 8.34
CA MET A 608 14.78 -1.87 9.72
C MET A 608 14.06 -0.96 10.71
N GLY A 609 14.20 0.35 10.51
CA GLY A 609 13.56 1.33 11.38
C GLY A 609 12.05 1.26 11.34
N SER A 610 11.50 0.97 10.17
CA SER A 610 10.06 0.87 9.99
C SER A 610 9.47 -0.27 10.82
N ILE A 611 10.16 -1.40 10.81
CA ILE A 611 9.72 -2.58 11.55
C ILE A 611 9.66 -2.29 13.03
N GLN A 612 10.65 -1.56 13.53
CA GLN A 612 10.69 -1.20 14.95
C GLN A 612 9.54 -0.26 15.30
N LEU A 613 9.26 0.70 14.42
CA LEU A 613 8.17 1.64 14.64
C LEU A 613 6.82 0.93 14.60
N CYS A 614 6.75 -0.16 13.84
CA CYS A 614 5.55 -0.97 13.78
C CYS A 614 5.40 -1.78 15.05
N ARG A 615 6.52 -2.28 15.57
CA ARG A 615 6.51 -3.06 16.81
C ARG A 615 6.11 -2.18 17.98
N ASP A 616 6.63 -0.96 18.02
CA ASP A 616 6.28 -0.01 19.08
C ASP A 616 4.81 0.37 18.99
N ALA A 617 4.25 0.25 17.80
CA ALA A 617 2.83 0.50 17.58
C ALA A 617 2.02 -0.79 17.78
N GLY A 618 2.73 -1.89 17.95
CA GLY A 618 2.09 -3.18 18.18
C GLY A 618 1.65 -3.90 16.93
N ILE A 619 2.44 -3.77 15.86
CA ILE A 619 2.12 -4.42 14.60
C ILE A 619 3.20 -5.46 14.28
N ARG A 620 2.80 -6.73 14.28
CA ARG A 620 3.75 -7.81 14.03
C ARG A 620 4.04 -7.98 12.54
N VAL A 621 5.32 -7.90 12.19
CA VAL A 621 5.74 -8.08 10.80
C VAL A 621 6.08 -9.55 10.56
N ILE A 622 5.66 -10.07 9.41
CA ILE A 622 5.91 -11.46 9.06
C ILE A 622 6.44 -11.56 7.63
N MET A 623 7.60 -12.18 7.46
CA MET A 623 8.21 -12.34 6.14
C MET A 623 7.67 -13.59 5.45
N ILE A 624 7.24 -13.43 4.20
CA ILE A 624 6.79 -14.55 3.38
C ILE A 624 7.52 -14.52 2.04
N THR A 625 8.54 -15.37 1.90
CA THR A 625 9.36 -15.38 0.69
C THR A 625 9.34 -16.73 -0.01
N GLY A 626 9.60 -16.70 -1.32
CA GLY A 626 9.73 -17.92 -2.10
C GLY A 626 11.19 -18.30 -2.23
N ASP A 627 12.06 -17.51 -1.58
CA ASP A 627 13.49 -17.75 -1.60
C ASP A 627 13.85 -18.79 -0.55
N ASN A 628 15.08 -19.31 -0.61
CA ASN A 628 15.53 -20.35 0.31
C ASN A 628 15.56 -19.86 1.75
N LYS A 629 15.41 -20.80 2.69
CA LYS A 629 15.30 -20.47 4.11
C LYS A 629 16.52 -19.73 4.66
N GLY A 630 17.70 -20.16 4.24
CA GLY A 630 18.95 -19.56 4.71
C GLY A 630 19.02 -18.07 4.50
N THR A 631 18.66 -17.62 3.30
CA THR A 631 18.66 -16.20 2.96
C THR A 631 17.59 -15.46 3.75
N ALA A 632 16.42 -16.08 3.86
CA ALA A 632 15.30 -15.49 4.58
C ALA A 632 15.63 -15.19 6.03
N ILE A 633 16.20 -16.18 6.72
CA ILE A 633 16.59 -16.03 8.12
C ILE A 633 17.61 -14.91 8.25
N ALA A 634 18.57 -14.88 7.32
CA ALA A 634 19.64 -13.88 7.34
C ALA A 634 19.09 -12.46 7.21
N ILE A 635 18.12 -12.29 6.33
CA ILE A 635 17.52 -10.97 6.10
C ILE A 635 16.70 -10.56 7.32
N CYS A 636 15.97 -11.53 7.89
CA CYS A 636 15.17 -11.28 9.10
C CYS A 636 16.02 -10.77 10.24
N ARG A 637 17.23 -11.30 10.38
CA ARG A 637 18.12 -10.92 11.47
C ARG A 637 18.70 -9.53 11.24
N ARG A 638 18.70 -9.07 9.99
CA ARG A 638 19.23 -7.75 9.67
C ARG A 638 18.18 -6.66 9.88
N ILE A 639 16.93 -6.99 9.59
CA ILE A 639 15.85 -6.00 9.65
C ILE A 639 15.23 -5.92 11.04
N GLY A 640 15.36 -6.98 11.83
CA GLY A 640 14.88 -6.97 13.20
C GLY A 640 13.76 -7.92 13.52
N ILE A 641 13.36 -8.74 12.54
CA ILE A 641 12.34 -9.75 12.77
C ILE A 641 12.87 -10.78 13.76
N PHE A 642 14.14 -11.17 13.58
CA PHE A 642 14.80 -12.08 14.51
C PHE A 642 15.98 -11.37 15.19
N GLY A 643 16.41 -11.92 16.32
CA GLY A 643 17.56 -11.38 17.03
C GLY A 643 18.87 -11.80 16.40
N GLU A 644 19.95 -11.17 16.84
CA GLU A 644 21.27 -11.48 16.32
C GLU A 644 21.64 -12.94 16.62
N ASN A 645 21.32 -13.38 17.83
CA ASN A 645 21.60 -14.75 18.25
C ASN A 645 20.34 -15.40 18.81
N GLU A 646 19.21 -15.16 18.16
CA GLU A 646 17.94 -15.72 18.61
C GLU A 646 17.71 -17.10 18.00
N GLU A 647 17.29 -18.05 18.83
CA GLU A 647 17.03 -19.40 18.37
C GLU A 647 15.70 -19.50 17.61
N VAL A 648 15.80 -19.56 16.28
CA VAL A 648 14.66 -19.96 15.47
C VAL A 648 14.72 -21.46 15.29
N ALA A 649 13.56 -22.07 15.08
CA ALA A 649 13.48 -23.52 14.86
C ALA A 649 12.16 -23.87 14.20
N ASP A 650 11.08 -23.53 14.90
CA ASP A 650 9.73 -23.69 14.39
C ASP A 650 9.02 -22.34 14.51
N ARG A 651 9.81 -21.28 14.46
CA ARG A 651 9.31 -19.93 14.23
C ARG A 651 9.56 -19.61 12.76
N ALA A 652 10.07 -20.59 12.04
CA ALA A 652 10.34 -20.47 10.62
C ALA A 652 10.04 -21.80 9.91
N TYR A 653 9.21 -21.73 8.86
CA TYR A 653 8.81 -22.93 8.14
C TYR A 653 9.07 -22.79 6.64
N THR A 654 9.29 -23.91 5.97
CA THR A 654 9.39 -23.92 4.51
C THR A 654 8.05 -24.33 3.91
N GLY A 655 8.00 -24.40 2.59
CA GLY A 655 6.79 -24.82 1.91
C GLY A 655 6.39 -26.23 2.26
N ARG A 656 7.34 -27.16 2.17
CA ARG A 656 7.07 -28.56 2.47
C ARG A 656 6.77 -28.76 3.94
N GLU A 657 7.55 -28.12 4.81
CA GLU A 657 7.35 -28.21 6.25
C GLU A 657 5.96 -27.76 6.65
N PHE A 658 5.48 -26.68 6.03
CA PHE A 658 4.17 -26.14 6.33
C PHE A 658 3.06 -26.96 5.67
N ASP A 659 3.40 -27.60 4.55
CA ASP A 659 2.41 -28.39 3.81
C ASP A 659 2.28 -29.80 4.38
N ASP A 660 3.23 -30.19 5.22
CA ASP A 660 3.19 -31.50 5.86
C ASP A 660 2.39 -31.44 7.15
N LEU A 661 2.25 -30.24 7.70
CA LEU A 661 1.46 -30.03 8.91
C LEU A 661 -0.03 -30.15 8.61
N PRO A 662 -0.80 -30.76 9.53
CA PRO A 662 -2.25 -30.82 9.37
C PRO A 662 -2.88 -29.44 9.44
N LEU A 663 -4.08 -29.29 8.86
CA LEU A 663 -4.73 -27.99 8.76
C LEU A 663 -4.90 -27.31 10.10
N ALA A 664 -5.19 -28.09 11.13
CA ALA A 664 -5.34 -27.56 12.48
C ALA A 664 -4.03 -26.97 12.99
N GLU A 665 -2.93 -27.66 12.67
CA GLU A 665 -1.61 -27.25 13.14
C GLU A 665 -1.00 -26.19 12.23
N GLN A 666 -1.60 -26.00 11.05
CA GLN A 666 -1.09 -25.03 10.10
C GLN A 666 -1.46 -23.60 10.46
N ARG A 667 -2.70 -23.41 10.92
CA ARG A 667 -3.18 -22.06 11.26
C ARG A 667 -2.65 -21.60 12.60
N GLU A 668 -2.31 -22.55 13.46
CA GLU A 668 -1.76 -22.23 14.77
C GLU A 668 -0.29 -21.85 14.65
N ALA A 669 0.33 -22.26 13.55
CA ALA A 669 1.74 -21.97 13.31
C ALA A 669 1.91 -20.60 12.65
N CYS A 670 0.80 -19.94 12.34
CA CYS A 670 0.85 -18.63 11.71
C CYS A 670 0.84 -17.52 12.75
N ARG A 671 0.55 -17.88 13.99
CA ARG A 671 0.56 -16.91 15.09
C ARG A 671 1.88 -16.97 15.84
N ARG A 672 2.67 -18.01 15.58
CA ARG A 672 3.97 -18.19 16.22
C ARG A 672 5.10 -17.80 15.28
N ALA A 673 5.10 -18.37 14.09
CA ALA A 673 6.15 -18.13 13.11
C ALA A 673 6.09 -16.72 12.54
N CYS A 674 7.23 -16.23 12.05
CA CYS A 674 7.32 -14.91 11.47
C CYS A 674 8.18 -14.96 10.21
N CYS A 675 8.42 -16.17 9.70
CA CYS A 675 9.23 -16.34 8.50
C CYS A 675 8.86 -17.63 7.76
N PHE A 676 8.31 -17.48 6.57
CA PHE A 676 7.99 -18.62 5.72
C PHE A 676 8.77 -18.53 4.42
N ALA A 677 9.66 -19.48 4.19
CA ALA A 677 10.54 -19.44 3.03
C ALA A 677 10.26 -20.57 2.05
N ARG A 678 10.76 -20.42 0.82
CA ARG A 678 10.50 -21.35 -0.28
C ARG A 678 9.01 -21.64 -0.36
N VAL A 679 8.25 -20.60 -0.72
CA VAL A 679 6.81 -20.62 -0.58
C VAL A 679 6.11 -20.37 -1.91
N GLU A 680 5.15 -21.23 -2.24
CA GLU A 680 4.35 -21.08 -3.44
C GLU A 680 3.44 -19.85 -3.31
N PRO A 681 2.99 -19.29 -4.44
CA PRO A 681 2.06 -18.16 -4.37
C PRO A 681 0.75 -18.54 -3.69
N SER A 682 0.43 -19.83 -3.70
CA SER A 682 -0.79 -20.34 -3.08
C SER A 682 -0.71 -20.25 -1.56
N HIS A 683 0.45 -20.57 -1.01
CA HIS A 683 0.65 -20.57 0.44
C HIS A 683 0.56 -19.17 1.02
N LYS A 684 1.03 -18.18 0.25
CA LYS A 684 1.04 -16.79 0.70
C LYS A 684 -0.36 -16.31 1.07
N SER A 685 -1.32 -16.62 0.21
CA SER A 685 -2.72 -16.26 0.46
C SER A 685 -3.28 -17.09 1.61
N LYS A 686 -2.81 -18.33 1.74
CA LYS A 686 -3.27 -19.21 2.81
C LYS A 686 -2.83 -18.70 4.18
N ILE A 687 -1.61 -18.18 4.26
CA ILE A 687 -1.10 -17.62 5.49
C ILE A 687 -1.92 -16.40 5.88
N VAL A 688 -2.24 -15.58 4.89
CA VAL A 688 -3.09 -14.42 5.08
C VAL A 688 -4.48 -14.87 5.55
N GLU A 689 -5.00 -15.91 4.89
CA GLU A 689 -6.31 -16.45 5.21
C GLU A 689 -6.36 -16.98 6.64
N TYR A 690 -5.26 -17.58 7.09
CA TYR A 690 -5.18 -18.13 8.43
C TYR A 690 -5.15 -17.03 9.50
N LEU A 691 -4.44 -15.95 9.21
CA LEU A 691 -4.36 -14.83 10.14
C LEU A 691 -5.72 -14.15 10.24
N GLN A 692 -6.47 -14.17 9.15
CA GLN A 692 -7.81 -13.60 9.13
C GLN A 692 -8.80 -14.52 9.85
N SER A 693 -8.41 -15.78 10.02
CA SER A 693 -9.26 -16.74 10.72
C SER A 693 -9.30 -16.43 12.22
N TYR A 694 -8.30 -15.70 12.69
CA TYR A 694 -8.26 -15.28 14.09
C TYR A 694 -8.77 -13.84 14.22
N ASP A 695 -9.51 -13.39 13.21
CA ASP A 695 -10.08 -12.05 13.17
C ASP A 695 -9.02 -10.97 13.32
N GLU A 696 -7.96 -11.06 12.54
CA GLU A 696 -6.91 -10.05 12.55
C GLU A 696 -6.85 -9.34 11.20
N ILE A 697 -6.90 -8.02 11.23
CA ILE A 697 -6.78 -7.21 10.02
C ILE A 697 -5.32 -7.25 9.58
N THR A 698 -5.04 -8.03 8.54
CA THR A 698 -3.67 -8.21 8.08
C THR A 698 -3.41 -7.51 6.75
N ALA A 699 -2.21 -6.95 6.62
CA ALA A 699 -1.80 -6.28 5.40
C ALA A 699 -0.83 -7.17 4.63
N MET A 700 -0.61 -6.84 3.36
CA MET A 700 0.34 -7.60 2.53
C MET A 700 1.18 -6.65 1.68
N THR A 701 2.49 -6.86 1.70
CA THR A 701 3.41 -6.04 0.92
C THR A 701 4.23 -6.92 -0.02
N GLY A 702 4.11 -6.67 -1.32
CA GLY A 702 4.81 -7.46 -2.32
C GLY A 702 5.22 -6.70 -3.56
N ASP A 703 5.73 -7.43 -4.56
CA ASP A 703 6.17 -6.81 -5.80
C ASP A 703 6.07 -7.77 -6.99
N GLY A 704 6.18 -9.06 -6.72
CA GLY A 704 6.20 -10.07 -7.77
C GLY A 704 4.86 -10.70 -8.09
N VAL A 705 4.84 -11.52 -9.13
CA VAL A 705 3.62 -12.17 -9.59
C VAL A 705 3.12 -13.16 -8.54
N ASN A 706 4.05 -13.68 -7.73
CA ASN A 706 3.72 -14.64 -6.69
C ASN A 706 3.12 -13.96 -5.45
N ASP A 707 3.07 -12.64 -5.48
CA ASP A 707 2.51 -11.89 -4.36
C ASP A 707 1.09 -11.43 -4.65
N ALA A 708 0.68 -11.52 -5.92
CA ALA A 708 -0.62 -11.02 -6.36
C ALA A 708 -1.82 -11.61 -5.61
N PRO A 709 -1.90 -12.95 -5.48
CA PRO A 709 -3.07 -13.47 -4.76
C PRO A 709 -3.13 -13.06 -3.29
N ALA A 710 -1.97 -12.87 -2.68
CA ALA A 710 -1.90 -12.49 -1.27
C ALA A 710 -2.18 -11.00 -1.09
N LEU A 711 -1.79 -10.21 -2.08
CA LEU A 711 -2.03 -8.77 -2.05
C LEU A 711 -3.51 -8.46 -2.12
N LYS A 712 -4.26 -9.32 -2.81
CA LYS A 712 -5.70 -9.14 -2.97
C LYS A 712 -6.46 -9.73 -1.78
N LYS A 713 -5.92 -10.79 -1.21
CA LYS A 713 -6.56 -11.49 -0.10
C LYS A 713 -6.58 -10.63 1.17
N ALA A 714 -5.54 -9.86 1.38
CA ALA A 714 -5.41 -9.02 2.57
C ALA A 714 -6.46 -7.91 2.59
N GLU A 715 -6.70 -7.36 3.78
CA GLU A 715 -7.61 -6.23 3.93
C GLU A 715 -7.05 -5.03 3.17
N ILE A 716 -5.73 -4.93 3.10
CA ILE A 716 -5.06 -3.87 2.37
C ILE A 716 -3.79 -4.42 1.73
N GLY A 717 -3.67 -4.22 0.42
CA GLY A 717 -2.49 -4.67 -0.31
C GLY A 717 -1.57 -3.52 -0.65
N ILE A 718 -0.28 -3.71 -0.44
CA ILE A 718 0.71 -2.67 -0.72
C ILE A 718 1.71 -3.17 -1.76
N ALA A 719 1.71 -2.52 -2.92
CA ALA A 719 2.60 -2.92 -4.01
C ALA A 719 3.74 -1.93 -4.19
N MET A 720 4.93 -2.45 -4.52
CA MET A 720 6.09 -1.61 -4.76
C MET A 720 6.01 -0.97 -6.15
N GLY A 721 6.50 0.26 -6.26
CA GLY A 721 6.47 0.98 -7.52
C GLY A 721 7.27 0.32 -8.61
N SER A 722 8.35 -0.35 -8.22
CA SER A 722 9.17 -1.10 -9.17
C SER A 722 8.80 -2.58 -9.12
N GLY A 723 7.51 -2.86 -9.23
CA GLY A 723 7.01 -4.23 -9.20
C GLY A 723 6.22 -4.61 -10.44
N THR A 724 5.75 -5.85 -10.47
CA THR A 724 5.00 -6.36 -11.62
C THR A 724 3.65 -5.66 -11.73
N ALA A 725 3.07 -5.68 -12.93
CA ALA A 725 1.80 -5.02 -13.18
C ALA A 725 0.66 -5.69 -12.40
N VAL A 726 0.70 -7.01 -12.33
CA VAL A 726 -0.34 -7.78 -11.64
C VAL A 726 -0.36 -7.47 -10.15
N ALA A 727 0.82 -7.20 -9.58
CA ALA A 727 0.92 -6.87 -8.17
C ALA A 727 0.28 -5.51 -7.89
N LYS A 728 0.40 -4.60 -8.86
CA LYS A 728 -0.16 -3.26 -8.72
C LYS A 728 -1.68 -3.29 -8.80
N THR A 729 -2.22 -4.17 -9.64
CA THR A 729 -3.66 -4.27 -9.82
C THR A 729 -4.32 -5.01 -8.66
N ALA A 730 -3.54 -5.88 -8.01
CA ALA A 730 -4.06 -6.70 -6.93
C ALA A 730 -4.06 -5.95 -5.60
N SER A 731 -3.43 -4.79 -5.58
CA SER A 731 -3.30 -4.02 -4.35
C SER A 731 -4.17 -2.77 -4.36
N GLU A 732 -4.34 -2.16 -3.20
CA GLU A 732 -5.10 -0.93 -3.07
C GLU A 732 -4.16 0.27 -2.95
N MET A 733 -3.04 0.05 -2.26
CA MET A 733 -2.05 1.10 -2.05
C MET A 733 -0.77 0.78 -2.80
N VAL A 734 -0.21 1.77 -3.48
CA VAL A 734 1.01 1.57 -4.25
C VAL A 734 2.07 2.61 -3.89
N LEU A 735 3.17 2.14 -3.31
CA LEU A 735 4.29 3.01 -3.00
C LEU A 735 5.02 3.39 -4.28
N ALA A 736 4.97 4.67 -4.64
CA ALA A 736 5.48 5.13 -5.92
C ALA A 736 7.00 5.27 -5.93
N ASP A 737 7.60 5.36 -4.74
CA ASP A 737 9.04 5.55 -4.66
C ASP A 737 9.71 4.44 -3.85
N ASP A 738 8.98 3.34 -3.65
CA ASP A 738 9.49 2.17 -2.93
C ASP A 738 9.95 2.50 -1.51
N ASN A 739 9.45 3.60 -0.96
CA ASN A 739 9.79 4.01 0.39
C ASN A 739 8.98 3.20 1.40
N PHE A 740 9.68 2.36 2.17
CA PHE A 740 9.01 1.48 3.12
C PHE A 740 8.57 2.24 4.37
N SER A 741 9.23 3.36 4.62
CA SER A 741 8.91 4.18 5.79
C SER A 741 7.64 4.99 5.55
N THR A 742 7.06 4.84 4.36
CA THR A 742 5.79 5.48 4.04
C THR A 742 4.66 4.72 4.72
N ILE A 743 4.83 3.41 4.83
CA ILE A 743 3.83 2.54 5.43
C ILE A 743 3.53 2.94 6.87
N VAL A 744 4.57 3.17 7.65
CA VAL A 744 4.41 3.52 9.06
C VAL A 744 3.75 4.91 9.18
N ALA A 745 3.95 5.74 8.16
CA ALA A 745 3.30 7.05 8.11
C ALA A 745 1.83 6.91 7.76
N ALA A 746 1.52 5.86 6.99
CA ALA A 746 0.14 5.59 6.60
C ALA A 746 -0.61 4.90 7.74
N VAL A 747 0.15 4.43 8.72
CA VAL A 747 -0.44 3.84 9.92
C VAL A 747 -0.87 4.97 10.86
N GLU A 748 0.01 5.94 11.02
CA GLU A 748 -0.28 7.11 11.86
C GLU A 748 -1.46 7.89 11.29
N GLU A 749 -1.50 7.98 9.97
CA GLU A 749 -2.59 8.67 9.28
C GLU A 749 -3.91 7.97 9.54
N GLY A 750 -3.94 6.66 9.27
CA GLY A 750 -5.13 5.86 9.44
C GLY A 750 -5.67 5.84 10.86
N ARG A 751 -4.80 6.06 11.84
CA ARG A 751 -5.21 6.12 13.23
C ARG A 751 -5.73 7.52 13.58
N ALA A 752 -5.17 8.53 12.91
CA ALA A 752 -5.60 9.90 13.11
C ALA A 752 -6.94 10.14 12.41
N ILE A 753 -7.14 9.46 11.29
CA ILE A 753 -8.36 9.59 10.51
C ILE A 753 -9.55 9.01 11.27
N TYR A 754 -9.38 7.79 11.78
CA TYR A 754 -10.44 7.09 12.50
C TYR A 754 -10.86 7.82 13.76
N ASN A 755 -9.88 8.28 14.54
CA ASN A 755 -10.15 9.01 15.77
C ASN A 755 -10.95 10.28 15.52
N ASN A 756 -10.52 11.05 14.53
CA ASN A 756 -11.22 12.28 14.17
C ASN A 756 -12.59 11.99 13.59
N MET A 757 -12.73 10.82 12.97
CA MET A 757 -14.00 10.43 12.37
C MET A 757 -15.07 10.19 13.43
N LYS A 758 -14.66 9.59 14.54
CA LYS A 758 -15.58 9.38 15.66
C LYS A 758 -16.04 10.71 16.23
N GLN A 759 -15.19 11.72 16.11
CA GLN A 759 -15.48 13.03 16.70
C GLN A 759 -16.57 13.78 15.93
N PHE A 760 -16.42 13.92 14.62
CA PHE A 760 -17.40 14.71 13.86
C PHE A 760 -18.65 13.88 13.56
N ILE A 761 -18.63 12.60 13.91
CA ILE A 761 -19.84 11.79 13.84
C ILE A 761 -20.66 12.09 15.08
N ARG A 762 -20.02 12.03 16.25
CA ARG A 762 -20.66 12.38 17.51
C ARG A 762 -21.15 13.82 17.49
N TYR A 763 -20.41 14.67 16.78
CA TYR A 763 -20.71 16.09 16.70
C TYR A 763 -21.98 16.34 15.90
N LEU A 764 -22.12 15.64 14.77
CA LEU A 764 -23.25 15.86 13.88
C LEU A 764 -24.51 15.12 14.33
N ILE A 765 -24.33 13.95 14.93
CA ILE A 765 -25.47 13.15 15.36
C ILE A 765 -26.13 13.78 16.58
N SER A 766 -25.35 14.52 17.36
CA SER A 766 -25.86 15.17 18.56
C SER A 766 -26.79 16.33 18.19
N SER A 767 -26.48 17.01 17.08
CA SER A 767 -27.29 18.12 16.62
C SER A 767 -28.66 17.65 16.18
N ASN A 768 -28.69 16.57 15.40
CA ASN A 768 -29.94 16.02 14.90
C ASN A 768 -30.81 15.47 16.04
N VAL A 769 -30.16 14.96 17.08
CA VAL A 769 -30.88 14.49 18.26
C VAL A 769 -31.61 15.65 18.90
N GLY A 770 -30.91 16.75 19.11
CA GLY A 770 -31.50 17.96 19.66
C GLY A 770 -32.66 18.46 18.82
N GLU A 771 -32.53 18.34 17.51
CA GLU A 771 -33.58 18.77 16.59
C GLU A 771 -34.81 17.90 16.72
N VAL A 772 -34.60 16.58 16.81
CA VAL A 772 -35.72 15.65 16.97
C VAL A 772 -36.39 15.88 18.32
N VAL A 773 -35.59 16.11 19.35
CA VAL A 773 -36.12 16.41 20.68
C VAL A 773 -36.91 17.71 20.65
N CYS A 774 -36.38 18.71 19.95
CA CYS A 774 -37.04 20.01 19.83
C CYS A 774 -38.38 19.90 19.13
N ILE A 775 -38.40 19.20 17.99
CA ILE A 775 -39.63 19.02 17.23
C ILE A 775 -40.65 18.23 18.04
N PHE A 776 -40.15 17.25 18.80
CA PHE A 776 -41.03 16.41 19.60
C PHE A 776 -41.60 17.16 20.81
N LEU A 777 -40.73 17.89 21.51
CA LEU A 777 -41.15 18.66 22.68
C LEU A 777 -42.18 19.73 22.30
N THR A 778 -42.02 20.28 21.10
CA THR A 778 -42.97 21.26 20.57
C THR A 778 -44.36 20.64 20.43
N ALA A 779 -44.40 19.45 19.85
CA ALA A 779 -45.66 18.75 19.63
C ALA A 779 -46.21 18.16 20.92
N ALA A 780 -45.34 18.04 21.93
CA ALA A 780 -45.73 17.44 23.20
C ALA A 780 -46.37 18.47 24.13
N LEU A 781 -45.87 19.69 24.09
CA LEU A 781 -46.33 20.74 24.99
C LEU A 781 -47.33 21.68 24.31
N GLY A 782 -47.48 21.52 23.00
CA GLY A 782 -48.40 22.36 22.24
C GLY A 782 -47.94 23.79 22.13
N LEU A 783 -46.63 23.98 21.96
CA LEU A 783 -46.05 25.31 21.82
C LEU A 783 -45.88 25.67 20.34
N PRO A 784 -45.74 26.96 20.03
CA PRO A 784 -45.43 27.36 18.66
C PRO A 784 -44.11 26.74 18.18
N GLU A 785 -44.06 26.38 16.89
CA GLU A 785 -42.87 25.74 16.34
C GLU A 785 -41.65 26.63 16.49
N ALA A 786 -40.55 26.05 16.94
CA ALA A 786 -39.32 26.81 17.20
C ALA A 786 -38.35 26.72 16.03
N LEU A 787 -38.39 25.60 15.31
CA LEU A 787 -37.47 25.38 14.20
C LEU A 787 -38.18 24.79 12.99
N ILE A 788 -38.05 25.44 11.84
CA ILE A 788 -38.63 24.95 10.61
C ILE A 788 -37.56 24.23 9.81
N PRO A 789 -37.94 23.19 9.04
CA PRO A 789 -37.00 22.32 8.34
C PRO A 789 -36.02 23.03 7.41
N VAL A 790 -36.40 24.18 6.88
CA VAL A 790 -35.53 24.92 5.97
C VAL A 790 -34.33 25.49 6.73
N GLN A 791 -34.55 25.84 8.00
CA GLN A 791 -33.48 26.37 8.84
C GLN A 791 -32.52 25.26 9.25
N LEU A 792 -33.07 24.13 9.67
CA LEU A 792 -32.27 22.99 10.10
C LEU A 792 -31.46 22.44 8.94
N LEU A 793 -32.01 22.51 7.73
CA LEU A 793 -31.31 22.08 6.54
C LEU A 793 -30.06 22.92 6.34
N TRP A 794 -30.20 24.24 6.45
CA TRP A 794 -29.08 25.15 6.31
C TRP A 794 -28.05 24.94 7.42
N VAL A 795 -28.53 24.65 8.62
CA VAL A 795 -27.65 24.46 9.76
C VAL A 795 -26.79 23.22 9.57
N ASN A 796 -27.43 22.07 9.38
CA ASN A 796 -26.73 20.78 9.32
C ASN A 796 -25.75 20.68 8.14
N LEU A 797 -25.87 21.58 7.18
CA LEU A 797 -25.02 21.55 6.01
C LEU A 797 -23.95 22.64 6.02
N VAL A 798 -24.23 23.73 6.73
CA VAL A 798 -23.35 24.89 6.69
C VAL A 798 -22.80 25.28 8.07
N THR A 799 -23.69 25.73 8.95
CA THR A 799 -23.27 26.34 10.22
C THR A 799 -22.51 25.38 11.14
N ASP A 800 -22.97 24.14 11.24
CA ASP A 800 -22.25 23.14 12.03
C ASP A 800 -21.79 22.00 11.13
N GLY A 801 -21.86 22.21 9.83
CA GLY A 801 -21.43 21.22 8.86
C GLY A 801 -19.93 21.29 8.57
N LEU A 802 -19.43 22.49 8.36
CA LEU A 802 -18.00 22.69 8.11
C LEU A 802 -17.13 22.82 9.38
N PRO A 803 -17.72 23.20 10.53
CA PRO A 803 -16.87 23.02 11.71
C PRO A 803 -16.57 21.56 12.01
N ALA A 804 -17.47 20.68 11.59
CA ALA A 804 -17.24 19.24 11.71
C ALA A 804 -16.13 18.80 10.77
N THR A 805 -15.98 19.53 9.66
CA THR A 805 -14.93 19.25 8.69
C THR A 805 -13.58 19.70 9.24
N ALA A 806 -13.60 20.77 10.03
CA ALA A 806 -12.39 21.29 10.65
C ALA A 806 -11.92 20.37 11.77
N LEU A 807 -12.84 19.52 12.26
CA LEU A 807 -12.50 18.55 13.29
C LEU A 807 -11.67 17.41 12.71
N GLY A 808 -11.62 17.35 11.38
CA GLY A 808 -10.79 16.37 10.71
C GLY A 808 -9.34 16.77 10.70
N PHE A 809 -9.05 17.93 11.30
CA PHE A 809 -7.70 18.46 11.37
C PHE A 809 -7.24 18.54 12.82
N ASN A 810 -7.84 17.71 13.67
CA ASN A 810 -7.45 17.64 15.08
C ASN A 810 -6.05 17.03 15.18
N PRO A 811 -5.18 17.65 16.00
CA PRO A 811 -3.78 17.24 16.15
C PRO A 811 -3.64 15.82 16.69
N PRO A 812 -2.84 14.99 16.00
CA PRO A 812 -2.55 13.62 16.44
C PRO A 812 -1.91 13.58 17.82
N ASP A 813 -2.27 12.58 18.61
CA ASP A 813 -1.74 12.45 19.96
C ASP A 813 -0.30 11.96 19.95
N LEU A 814 0.36 12.02 21.10
CA LEU A 814 1.71 11.48 21.23
C LEU A 814 1.63 9.99 21.49
N ASP A 815 0.51 9.57 22.08
CA ASP A 815 0.27 8.17 22.41
C ASP A 815 -0.53 7.51 21.29
N ILE A 816 -0.41 8.06 20.08
CA ILE A 816 -1.19 7.56 18.95
C ILE A 816 -0.58 6.27 18.40
N MET A 817 0.73 6.12 18.54
CA MET A 817 1.42 4.95 18.02
C MET A 817 2.29 4.27 19.07
N ASP A 818 1.93 4.45 20.33
CA ASP A 818 2.56 3.70 21.42
C ASP A 818 1.52 2.72 21.98
N ARG A 819 0.36 2.71 21.34
CA ARG A 819 -0.75 1.85 21.75
C ARG A 819 -1.08 0.83 20.66
N PRO A 820 -1.58 -0.36 21.05
CA PRO A 820 -1.95 -1.41 20.11
C PRO A 820 -3.06 -0.99 19.16
N PRO A 821 -3.20 -1.69 18.01
CA PRO A 821 -4.31 -1.45 17.10
C PRO A 821 -5.67 -1.68 17.77
N ARG A 822 -6.68 -0.92 17.35
CA ARG A 822 -8.01 -1.04 17.93
C ARG A 822 -8.60 -2.42 17.66
N SER A 823 -9.54 -2.83 18.52
CA SER A 823 -10.19 -4.13 18.37
C SER A 823 -11.13 -4.14 17.17
N PRO A 824 -11.14 -5.25 16.42
CA PRO A 824 -12.02 -5.43 15.26
C PRO A 824 -13.50 -5.39 15.64
N LYS A 825 -13.87 -6.15 16.66
CA LYS A 825 -15.26 -6.22 17.11
C LYS A 825 -15.73 -4.92 17.72
N GLU A 826 -14.77 -4.11 18.19
CA GLU A 826 -15.07 -2.82 18.81
C GLU A 826 -15.86 -1.93 17.85
N PRO A 827 -17.05 -1.50 18.28
CA PRO A 827 -17.94 -0.69 17.44
C PRO A 827 -17.47 0.76 17.29
N LEU A 828 -17.93 1.41 16.22
CA LEU A 828 -17.59 2.81 15.98
C LEU A 828 -18.18 3.70 17.06
N ILE A 829 -19.45 3.47 17.37
CA ILE A 829 -20.12 4.19 18.45
C ILE A 829 -20.49 3.19 19.54
N SER A 830 -20.12 3.52 20.79
CA SER A 830 -20.37 2.62 21.91
C SER A 830 -21.60 3.04 22.68
N GLY A 831 -22.06 2.17 23.58
CA GLY A 831 -23.21 2.48 24.42
C GLY A 831 -22.98 3.68 25.31
N TRP A 832 -21.77 3.81 25.81
CA TRP A 832 -21.39 4.95 26.64
C TRP A 832 -21.37 6.24 25.82
N LEU A 833 -20.70 6.18 24.68
CA LEU A 833 -20.62 7.33 23.78
C LEU A 833 -22.00 7.66 23.21
N PHE A 834 -22.85 6.64 23.10
CA PHE A 834 -24.22 6.84 22.67
C PHE A 834 -24.95 7.73 23.66
N PHE A 835 -24.87 7.37 24.94
CA PHE A 835 -25.47 8.15 26.01
C PHE A 835 -24.84 9.54 26.08
N ARG A 836 -23.57 9.63 25.70
CA ARG A 836 -22.83 10.88 25.80
C ARG A 836 -23.38 11.97 24.89
N TYR A 837 -23.63 11.64 23.63
CA TYR A 837 -24.16 12.63 22.70
C TYR A 837 -25.68 12.72 22.83
N MET A 838 -26.28 11.68 23.39
CA MET A 838 -27.72 11.68 23.63
C MET A 838 -28.05 12.62 24.78
N ALA A 839 -27.11 12.74 25.72
CA ALA A 839 -27.28 13.62 26.87
C ALA A 839 -27.16 15.08 26.46
N ILE A 840 -26.13 15.39 25.67
CA ILE A 840 -25.93 16.75 25.19
C ILE A 840 -26.96 17.04 24.11
N GLY A 841 -27.43 15.99 23.43
CA GLY A 841 -28.46 16.12 22.43
C GLY A 841 -29.79 16.50 23.06
N GLY A 842 -30.10 15.85 24.18
CA GLY A 842 -31.30 16.16 24.92
C GLY A 842 -31.31 17.57 25.47
N TYR A 843 -30.13 18.06 25.84
CA TYR A 843 -29.98 19.42 26.36
C TYR A 843 -30.24 20.42 25.24
N VAL A 844 -29.73 20.14 24.05
CA VAL A 844 -29.92 21.01 22.90
C VAL A 844 -31.41 21.14 22.59
N GLY A 845 -32.13 20.03 22.62
CA GLY A 845 -33.55 20.03 22.35
C GLY A 845 -34.35 20.81 23.37
N ALA A 846 -33.93 20.75 24.63
CA ALA A 846 -34.62 21.45 25.70
C ALA A 846 -34.24 22.93 25.74
N ALA A 847 -33.02 23.23 25.31
CA ALA A 847 -32.53 24.61 25.30
C ALA A 847 -33.19 25.42 24.19
N THR A 848 -33.45 24.76 23.06
CA THR A 848 -34.04 25.43 21.91
C THR A 848 -35.48 25.84 22.18
N VAL A 849 -36.26 24.93 22.74
CA VAL A 849 -37.66 25.23 23.04
C VAL A 849 -37.75 26.23 24.19
N GLY A 850 -36.79 26.14 25.12
CA GLY A 850 -36.76 27.04 26.26
C GLY A 850 -36.39 28.46 25.89
N ALA A 851 -35.57 28.60 24.86
CA ALA A 851 -35.14 29.91 24.39
C ALA A 851 -36.30 30.67 23.76
N ALA A 852 -37.10 29.95 22.96
CA ALA A 852 -38.25 30.55 22.31
C ALA A 852 -39.35 30.88 23.33
N ALA A 853 -39.54 29.98 24.29
CA ALA A 853 -40.55 30.15 25.32
C ALA A 853 -40.21 31.33 26.24
N TRP A 854 -38.92 31.57 26.42
CA TRP A 854 -38.45 32.67 27.25
C TRP A 854 -38.87 34.01 26.66
N TRP A 855 -38.86 34.10 25.34
CA TRP A 855 -39.22 35.33 24.64
C TRP A 855 -40.71 35.64 24.80
N PHE A 856 -41.51 34.59 24.89
CA PHE A 856 -42.96 34.74 24.96
C PHE A 856 -43.45 35.20 26.34
N MET A 857 -42.72 34.81 27.39
CA MET A 857 -43.23 35.00 28.75
C MET A 857 -42.44 36.00 29.59
N TYR A 858 -41.14 35.76 29.76
CA TYR A 858 -40.36 36.53 30.72
C TYR A 858 -39.48 37.61 30.09
N ALA A 859 -39.34 37.58 28.77
CA ALA A 859 -38.55 38.60 28.07
C ALA A 859 -39.29 39.93 28.05
N GLU A 860 -38.58 41.00 28.41
CA GLU A 860 -39.17 42.33 28.46
C GLU A 860 -39.59 42.79 27.07
N ASP A 861 -38.85 42.36 26.05
CA ASP A 861 -39.14 42.73 24.67
C ASP A 861 -40.36 41.95 24.17
N GLY A 862 -40.63 40.81 24.79
CA GLY A 862 -41.75 39.97 24.37
C GLY A 862 -43.10 40.43 24.87
N PRO A 863 -44.16 39.72 24.45
CA PRO A 863 -45.54 40.04 24.84
C PRO A 863 -45.82 39.72 26.29
N GLY A 864 -45.03 38.83 26.88
CA GLY A 864 -45.19 38.45 28.27
C GLY A 864 -46.44 37.63 28.52
N VAL A 865 -46.71 36.69 27.63
CA VAL A 865 -47.89 35.85 27.74
C VAL A 865 -47.75 34.88 28.91
N THR A 866 -48.86 34.28 29.31
CA THR A 866 -48.85 33.26 30.35
C THR A 866 -48.56 31.91 29.71
N TYR A 867 -48.35 30.89 30.54
CA TYR A 867 -48.04 29.56 30.02
C TYR A 867 -49.26 28.93 29.36
N HIS A 868 -50.45 29.27 29.85
CA HIS A 868 -51.68 28.71 29.30
C HIS A 868 -51.97 29.27 27.91
N GLN A 869 -51.71 30.55 27.73
CA GLN A 869 -51.92 31.21 26.45
C GLN A 869 -50.96 30.66 25.40
N LEU A 870 -49.75 30.36 25.83
CA LEU A 870 -48.72 29.84 24.93
C LEU A 870 -49.04 28.40 24.49
N THR A 871 -49.61 27.63 25.41
CA THR A 871 -49.94 26.23 25.13
C THR A 871 -51.27 26.08 24.41
N HIS A 872 -51.98 27.20 24.24
CA HIS A 872 -53.25 27.18 23.53
C HIS A 872 -53.27 28.24 22.43
N PHE A 873 -52.11 28.47 21.82
CA PHE A 873 -51.96 29.55 20.84
C PHE A 873 -52.81 29.34 19.59
N MET A 874 -53.22 28.10 19.35
CA MET A 874 -54.02 27.80 18.17
C MET A 874 -55.49 28.18 18.39
N GLN A 875 -55.89 28.31 19.64
CA GLN A 875 -57.26 28.70 19.98
C GLN A 875 -57.40 30.22 19.92
N CYS A 876 -56.29 30.91 19.68
CA CYS A 876 -56.29 32.36 19.57
C CYS A 876 -57.13 32.83 18.38
N THR A 877 -57.89 33.90 18.58
CA THR A 877 -58.61 34.54 17.50
C THR A 877 -58.71 36.03 17.82
N GLU A 878 -59.19 36.83 16.88
CA GLU A 878 -59.30 38.27 17.10
C GLU A 878 -60.30 38.56 18.21
N ASP A 879 -59.91 39.43 19.14
CA ASP A 879 -60.73 39.81 20.28
C ASP A 879 -61.14 38.59 21.12
N HIS A 880 -60.22 37.66 21.29
CA HIS A 880 -60.48 36.48 22.12
C HIS A 880 -60.28 36.84 23.59
N PRO A 881 -61.27 36.51 24.43
CA PRO A 881 -61.28 36.87 25.86
C PRO A 881 -60.09 36.32 26.64
N HIS A 882 -59.58 35.17 26.24
CA HIS A 882 -58.44 34.55 26.93
C HIS A 882 -57.12 35.04 26.36
N PHE A 883 -57.20 35.84 25.31
CA PHE A 883 -56.00 36.40 24.69
C PHE A 883 -56.12 37.91 24.57
N GLU A 884 -56.41 38.56 25.70
CA GLU A 884 -56.63 40.00 25.72
C GLU A 884 -55.34 40.77 25.49
N GLY A 885 -55.42 41.81 24.66
CA GLY A 885 -54.28 42.65 24.37
C GLY A 885 -53.18 41.96 23.59
N LEU A 886 -53.56 40.97 22.79
CA LEU A 886 -52.60 40.20 22.01
C LEU A 886 -53.09 39.95 20.59
N ASP A 887 -52.24 40.25 19.61
CA ASP A 887 -52.49 39.87 18.23
C ASP A 887 -52.06 38.42 18.06
N CYS A 888 -52.90 37.60 17.42
CA CYS A 888 -52.57 36.18 17.26
C CYS A 888 -51.42 35.95 16.28
N GLU A 889 -50.96 37.02 15.64
CA GLU A 889 -49.83 36.94 14.73
C GLU A 889 -48.51 36.88 15.50
N ILE A 890 -48.61 37.03 16.82
CA ILE A 890 -47.41 37.03 17.67
C ILE A 890 -46.89 35.60 17.81
N PHE A 891 -47.72 34.63 17.46
CA PHE A 891 -47.35 33.23 17.55
C PHE A 891 -46.74 32.75 16.24
N GLU A 892 -46.65 33.67 15.28
CA GLU A 892 -45.97 33.40 14.02
C GLU A 892 -44.81 34.38 13.86
N ALA A 893 -44.48 35.06 14.96
CA ALA A 893 -43.40 36.04 14.96
C ALA A 893 -42.05 35.36 14.72
N PRO A 894 -41.18 36.03 13.94
CA PRO A 894 -39.85 35.49 13.61
C PRO A 894 -38.84 35.65 14.75
N GLU A 895 -39.14 36.53 15.69
CA GLU A 895 -38.22 36.83 16.80
C GLU A 895 -38.00 35.65 17.76
N PRO A 896 -39.07 34.96 18.20
CA PRO A 896 -38.78 33.83 19.10
C PRO A 896 -38.08 32.68 18.40
N MET A 897 -38.28 32.53 17.09
CA MET A 897 -37.62 31.49 16.33
C MET A 897 -36.14 31.78 16.15
N THR A 898 -35.81 33.07 16.10
CA THR A 898 -34.41 33.49 15.99
C THR A 898 -33.66 33.08 17.25
N MET A 899 -34.33 33.16 18.39
CA MET A 899 -33.78 32.72 19.66
C MET A 899 -33.46 31.23 19.64
N ALA A 900 -34.39 30.44 19.10
CA ALA A 900 -34.24 28.99 19.06
C ALA A 900 -33.17 28.57 18.06
N LEU A 901 -32.91 29.42 17.08
CA LEU A 901 -31.91 29.11 16.06
C LEU A 901 -30.52 29.59 16.48
N SER A 902 -30.47 30.75 17.14
CA SER A 902 -29.21 31.31 17.59
C SER A 902 -28.68 30.55 18.81
N VAL A 903 -29.57 29.85 19.51
CA VAL A 903 -29.16 29.03 20.64
C VAL A 903 -28.69 27.68 20.13
N LEU A 904 -29.13 27.32 18.93
CA LEU A 904 -28.76 26.05 18.32
C LEU A 904 -27.38 26.13 17.69
N VAL A 905 -27.13 27.19 16.93
CA VAL A 905 -25.86 27.35 16.25
C VAL A 905 -24.75 27.64 17.24
N THR A 906 -25.08 28.32 18.34
CA THR A 906 -24.09 28.69 19.34
C THR A 906 -23.72 27.52 20.23
N ILE A 907 -24.69 26.64 20.50
CA ILE A 907 -24.48 25.50 21.37
C ILE A 907 -23.64 24.45 20.63
N GLU A 908 -23.58 24.55 19.30
CA GLU A 908 -22.78 23.63 18.50
C GLU A 908 -21.34 24.11 18.43
N MET A 909 -21.14 25.42 18.45
CA MET A 909 -19.80 25.99 18.46
C MET A 909 -19.10 25.62 19.77
N CYS A 910 -19.89 25.55 20.83
CA CYS A 910 -19.38 25.13 22.14
C CYS A 910 -19.14 23.62 22.14
N ASN A 911 -20.03 22.90 21.46
CA ASN A 911 -19.91 21.45 21.35
C ASN A 911 -18.73 21.08 20.46
N ALA A 912 -18.38 21.99 19.55
CA ALA A 912 -17.25 21.80 18.67
C ALA A 912 -15.95 21.83 19.47
N LEU A 913 -15.90 22.67 20.49
CA LEU A 913 -14.73 22.77 21.36
C LEU A 913 -14.62 21.53 22.23
N ASN A 914 -15.76 20.99 22.65
CA ASN A 914 -15.79 19.77 23.44
C ASN A 914 -15.49 18.55 22.57
N SER A 915 -15.70 18.70 21.27
CA SER A 915 -15.47 17.61 20.33
C SER A 915 -14.01 17.57 19.88
N LEU A 916 -13.19 18.43 20.46
CA LEU A 916 -11.76 18.42 20.19
C LEU A 916 -11.14 17.12 20.69
N SER A 917 -11.36 16.83 21.97
CA SER A 917 -10.92 15.56 22.56
C SER A 917 -12.12 14.78 23.06
N GLU A 918 -11.91 13.53 23.43
CA GLU A 918 -12.99 12.67 23.88
C GLU A 918 -13.14 12.68 25.40
N ASN A 919 -12.01 12.76 26.10
CA ASN A 919 -12.03 12.69 27.56
C ASN A 919 -11.18 13.78 28.21
N GLN A 920 -10.51 14.59 27.40
CA GLN A 920 -9.65 15.65 27.92
C GLN A 920 -10.43 16.94 28.17
N SER A 921 -10.25 17.50 29.36
CA SER A 921 -10.88 18.76 29.72
C SER A 921 -10.32 19.91 28.88
N LEU A 922 -11.06 21.02 28.84
CA LEU A 922 -10.59 22.20 28.12
C LEU A 922 -9.54 22.93 28.95
N MET A 923 -9.49 22.62 30.24
CA MET A 923 -8.47 23.19 31.13
C MET A 923 -7.14 22.50 30.91
N ARG A 924 -7.18 21.19 30.68
CA ARG A 924 -5.99 20.42 30.38
C ARG A 924 -5.56 20.63 28.94
N MET A 925 -6.43 20.25 28.02
CA MET A 925 -6.20 20.48 26.59
C MET A 925 -7.01 21.70 26.15
N PRO A 926 -6.35 22.84 26.02
CA PRO A 926 -7.01 24.12 25.70
C PRO A 926 -7.73 24.10 24.36
N PRO A 927 -8.79 24.91 24.22
CA PRO A 927 -9.58 24.97 22.99
C PRO A 927 -8.89 25.75 21.86
N TRP A 928 -7.75 26.37 22.17
CA TRP A 928 -7.03 27.16 21.16
C TRP A 928 -5.95 26.35 20.47
N VAL A 929 -6.00 25.03 20.59
CA VAL A 929 -5.03 24.16 19.95
C VAL A 929 -5.32 24.06 18.46
N ASN A 930 -6.53 23.63 18.12
CA ASN A 930 -6.95 23.52 16.73
C ASN A 930 -7.32 24.89 16.17
N ILE A 931 -6.46 25.42 15.30
CA ILE A 931 -6.71 26.74 14.71
C ILE A 931 -7.62 26.61 13.50
N TRP A 932 -7.74 25.40 12.96
CA TRP A 932 -8.64 25.14 11.84
C TRP A 932 -10.09 25.16 12.32
N LEU A 933 -10.32 24.71 13.55
CA LEU A 933 -11.66 24.70 14.12
C LEU A 933 -12.14 26.13 14.38
N LEU A 934 -11.29 26.92 15.03
CA LEU A 934 -11.63 28.30 15.38
C LEU A 934 -11.97 29.11 14.14
N GLY A 935 -11.29 28.83 13.04
CA GLY A 935 -11.58 29.51 11.79
C GLY A 935 -12.95 29.14 11.25
N SER A 936 -13.35 27.89 11.44
CA SER A 936 -14.65 27.42 11.00
C SER A 936 -15.76 27.98 11.88
N ILE A 937 -15.44 28.16 13.17
CA ILE A 937 -16.40 28.73 14.10
C ILE A 937 -16.73 30.16 13.70
N CYS A 938 -15.69 30.94 13.39
CA CYS A 938 -15.85 32.33 13.02
C CYS A 938 -16.62 32.48 11.72
N LEU A 939 -16.25 31.70 10.71
CA LEU A 939 -16.89 31.75 9.39
C LEU A 939 -18.37 31.40 9.47
N SER A 940 -18.69 30.32 10.19
CA SER A 940 -20.07 29.89 10.35
C SER A 940 -20.86 30.90 11.18
N MET A 941 -20.22 31.46 12.19
CA MET A 941 -20.86 32.49 13.01
C MET A 941 -21.00 33.78 12.19
N SER A 942 -20.04 34.02 11.31
CA SER A 942 -20.09 35.17 10.42
C SER A 942 -21.30 35.08 9.51
N LEU A 943 -21.57 33.86 9.03
CA LEU A 943 -22.73 33.63 8.18
C LEU A 943 -24.02 33.76 8.98
N HIS A 944 -23.96 33.38 10.26
CA HIS A 944 -25.12 33.48 11.13
C HIS A 944 -25.49 34.94 11.39
N PHE A 945 -24.46 35.79 11.53
CA PHE A 945 -24.69 37.22 11.67
C PHE A 945 -24.95 37.84 10.31
N LEU A 946 -24.64 37.09 9.26
CA LEU A 946 -24.90 37.52 7.89
C LEU A 946 -26.32 37.13 7.49
N ILE A 947 -26.83 36.05 8.07
CA ILE A 947 -28.13 35.52 7.71
C ILE A 947 -29.25 36.28 8.42
N LEU A 948 -28.88 37.21 9.30
CA LEU A 948 -29.86 37.98 10.06
C LEU A 948 -29.93 39.44 9.60
N TYR A 949 -28.79 39.98 9.17
CA TYR A 949 -28.68 41.41 8.91
C TYR A 949 -28.69 41.77 7.42
N VAL A 950 -28.69 40.76 6.56
CA VAL A 950 -28.55 41.01 5.13
C VAL A 950 -29.84 41.53 4.51
N ASP A 951 -30.98 41.04 5.02
CA ASP A 951 -32.38 41.41 4.69
C ASP A 951 -33.16 40.39 3.84
N PRO A 952 -32.56 39.84 2.75
CA PRO A 952 -33.38 38.87 2.04
C PRO A 952 -33.47 37.51 2.75
N LEU A 953 -32.40 37.12 3.43
CA LEU A 953 -32.34 35.83 4.12
C LEU A 953 -33.36 35.70 5.27
N PRO A 954 -33.58 36.77 6.07
CA PRO A 954 -34.62 36.63 7.09
C PRO A 954 -36.03 36.45 6.51
N MET A 955 -36.23 36.81 5.25
CA MET A 955 -37.55 36.71 4.63
C MET A 955 -37.82 35.30 4.10
N ILE A 956 -36.77 34.48 4.03
CA ILE A 956 -36.92 33.11 3.55
C ILE A 956 -36.64 32.11 4.67
N PHE A 957 -35.99 32.59 5.73
CA PHE A 957 -35.73 31.76 6.90
C PHE A 957 -36.62 32.16 8.07
N LYS A 958 -37.48 33.16 7.83
CA LYS A 958 -38.42 33.64 8.83
C LYS A 958 -37.71 34.06 10.11
N LEU A 959 -36.80 35.03 10.00
CA LEU A 959 -35.99 35.45 11.13
C LEU A 959 -35.98 36.97 11.29
N LYS A 960 -35.28 37.44 12.31
CA LYS A 960 -35.14 38.87 12.57
C LYS A 960 -33.90 39.10 13.44
N ALA A 961 -33.31 40.29 13.31
CA ALA A 961 -32.10 40.64 14.05
C ALA A 961 -32.34 40.54 15.56
N LEU A 962 -31.40 39.90 16.25
CA LEU A 962 -31.52 39.68 17.69
C LEU A 962 -31.15 40.94 18.47
N ASP A 963 -31.70 41.06 19.68
CA ASP A 963 -31.45 42.24 20.51
C ASP A 963 -30.09 42.16 21.19
N LEU A 964 -29.54 43.32 21.53
CA LEU A 964 -28.23 43.43 22.15
C LEU A 964 -28.17 42.72 23.50
N THR A 965 -29.30 42.66 24.19
CA THR A 965 -29.37 42.03 25.50
C THR A 965 -29.78 40.56 25.37
N GLN A 966 -30.54 40.27 24.33
CA GLN A 966 -31.02 38.91 24.10
C GLN A 966 -29.90 37.96 23.70
N TRP A 967 -28.80 38.51 23.18
CA TRP A 967 -27.64 37.71 22.87
C TRP A 967 -26.96 37.21 24.13
N LEU A 968 -27.04 38.01 25.18
CA LEU A 968 -26.48 37.64 26.48
C LEU A 968 -27.20 36.44 27.05
N MET A 969 -28.48 36.34 26.75
CA MET A 969 -29.30 35.21 27.20
C MET A 969 -28.89 33.93 26.48
N VAL A 970 -28.53 34.07 25.21
CA VAL A 970 -28.12 32.92 24.40
C VAL A 970 -26.85 32.30 24.97
N LEU A 971 -25.93 33.14 25.41
CA LEU A 971 -24.68 32.67 25.99
C LEU A 971 -24.91 32.03 27.36
N LYS A 972 -25.94 32.48 28.06
CA LYS A 972 -26.27 31.92 29.37
C LYS A 972 -27.00 30.59 29.25
N ILE A 973 -27.24 30.16 28.02
CA ILE A 973 -27.92 28.89 27.78
C ILE A 973 -26.97 27.94 27.04
N SER A 974 -26.19 28.49 26.12
CA SER A 974 -25.27 27.68 25.32
C SER A 974 -24.06 27.22 26.11
N LEU A 975 -23.49 28.11 26.93
CA LEU A 975 -22.29 27.80 27.70
C LEU A 975 -22.37 26.59 28.62
N PRO A 976 -23.51 26.37 29.31
CA PRO A 976 -23.55 25.19 30.19
C PRO A 976 -23.35 23.85 29.49
N VAL A 977 -23.45 23.80 28.17
CA VAL A 977 -23.24 22.54 27.45
C VAL A 977 -21.76 22.16 27.54
N ILE A 978 -20.91 23.15 27.78
CA ILE A 978 -19.50 22.90 28.00
C ILE A 978 -19.33 22.17 29.32
N GLY A 979 -19.93 22.73 30.36
CA GLY A 979 -19.89 22.12 31.69
C GLY A 979 -20.52 20.75 31.73
N LEU A 980 -21.49 20.52 30.85
CA LEU A 980 -22.13 19.21 30.76
C LEU A 980 -21.14 18.18 30.21
N ASP A 981 -20.51 18.51 29.10
CA ASP A 981 -19.54 17.61 28.48
C ASP A 981 -18.31 17.48 29.37
N GLU A 982 -17.97 18.57 30.07
CA GLU A 982 -16.85 18.56 31.00
C GLU A 982 -17.10 17.61 32.16
N ILE A 983 -18.36 17.51 32.58
CA ILE A 983 -18.75 16.54 33.60
C ILE A 983 -18.60 15.14 33.02
N LEU A 984 -19.15 14.94 31.83
CA LEU A 984 -19.08 13.64 31.15
C LEU A 984 -17.64 13.25 30.88
N LYS A 985 -16.78 14.23 30.63
CA LYS A 985 -15.36 13.97 30.44
C LYS A 985 -14.68 13.70 31.77
N PHE A 986 -15.19 14.30 32.84
CA PHE A 986 -14.59 14.16 34.17
C PHE A 986 -14.74 12.76 34.73
N ILE A 987 -15.92 12.18 34.56
CA ILE A 987 -16.15 10.81 35.04
C ILE A 987 -15.74 9.82 33.95
N ALA A 988 -14.97 10.31 32.98
CA ALA A 988 -14.35 9.46 31.98
C ALA A 988 -12.86 9.31 32.26
N ARG A 989 -12.23 10.41 32.67
CA ARG A 989 -10.83 10.40 33.04
C ARG A 989 -10.63 9.68 34.38
N ASN A 990 -10.09 8.47 34.30
CA ASN A 990 -9.75 7.66 35.47
C ASN A 990 -10.93 7.36 36.40
N TYR A 991 -12.14 7.51 35.87
CA TYR A 991 -13.34 7.15 36.62
C TYR A 991 -14.15 6.08 35.89
N LEU A 992 -14.02 6.07 34.56
CA LEU A 992 -14.66 5.04 33.74
C LEU A 992 -13.68 3.89 33.54
N GLU A 993 -12.40 4.20 33.59
CA GLU A 993 -11.35 3.22 33.43
C GLU A 993 -10.25 3.42 34.46
N GLY A 994 -10.49 2.94 35.68
CA GLY A 994 -9.53 3.09 36.76
C GLY A 994 -10.07 2.65 38.11
N1 DL5 B . 26.74 -24.31 -8.08
C2 DL5 B . 27.04 -23.43 -9.09
N3 DL5 B . 27.79 -22.29 -8.85
C4 DL5 B . 28.28 -21.93 -7.59
C5 DL5 B . 28.00 -22.79 -6.54
C6 DL5 B . 27.22 -23.99 -6.76
N6 DL5 B . 26.96 -24.82 -5.73
N7 DL5 B . 28.53 -22.35 -5.40
C8 DL5 B . 29.11 -21.25 -5.73
N9 DL5 B . 29.02 -20.91 -7.06
PA DL5 B . 28.18 -17.92 -3.36
PB DL5 B . 27.91 -20.55 -1.79
PG DL5 B . 25.81 -22.75 -1.91
C01 DL5 B . 27.48 -22.26 -2.19
C1' DL5 B . 29.56 -19.74 -7.84
O1A DL5 B . 27.19 -16.90 -4.06
O1B DL5 B . 29.32 -20.43 -1.72
C1F DL5 B . 29.03 -16.92 -9.71
O1G DL5 B . 25.09 -21.93 -0.74
C2' DL5 B . 28.56 -18.58 -8.15
O2' DL5 B . 28.51 -18.37 -9.59
O2A DL5 B . 28.77 -17.44 -2.05
O2B DL5 B . 27.37 -20.31 -0.54
C2F DL5 B . 27.88 -16.19 -10.47
N2F DL5 B . 26.52 -16.07 -9.95
O2F DL5 B . 25.63 -15.51 -10.54
O2G DL5 B . 25.90 -24.26 -1.42
C3' DL5 B . 29.08 -17.29 -7.39
O3' DL5 B . 29.38 -16.27 -8.37
O3A DL5 B . 27.50 -19.34 -2.95
C3F DL5 B . 28.10 -15.58 -11.72
O3F DL5 B . 26.19 -16.55 -8.88
O3G DL5 B . 24.94 -22.67 -3.07
C4' DL5 B . 30.29 -17.60 -6.65
O4' DL5 B . 30.43 -19.03 -7.01
C4F DL5 B . 29.28 -15.53 -12.45
N4F DL5 B . 29.45 -14.95 -13.65
O4F DL5 B . 30.51 -14.93 -14.26
C5' DL5 B . 30.33 -17.61 -5.04
O5' DL5 B . 29.25 -18.45 -4.52
C5F DL5 B . 30.39 -16.17 -11.84
O5F DL5 B . 28.53 -14.38 -14.22
C6F DL5 B . 30.39 -16.87 -10.51
N6F DL5 B . 31.71 -17.43 -10.17
O6F DL5 B . 32.66 -17.28 -10.97
O7F DL5 B . 31.99 -18.03 -9.20
K K C . -6.46 -5.37 -1.21
MG MG D . 25.76 -20.49 0.71
MG MG E . -33.17 17.02 7.25
MG MG F . 9.02 -10.25 -4.13
#